data_8GSS
#
_entry.id   8GSS
#
_cell.length_a   121.891
_cell.length_b   85.716
_cell.length_c   81.733
_cell.angle_alpha   90.00
_cell.angle_beta   110.63
_cell.angle_gamma   90.00
#
_symmetry.space_group_name_H-M   'C 1 2 1'
#
loop_
_entity.id
_entity.type
_entity.pdbx_description
1 polymer 'GLUTATHIONE S-TRANSFERASE P1-1'
2 non-polymer 'SULFATE ION'
3 non-polymer GLUTATHIONE
4 non-polymer '2-(N-MORPHOLINO)-ETHANESULFONIC ACID'
5 water water
#
_entity_poly.entity_id   1
_entity_poly.type   'polypeptide(L)'
_entity_poly.pdbx_seq_one_letter_code
;PPYTVVYFPVRGRCAALRMLLADQGQSWKEEVVTVETWQEGSLKASCLYGQLPKFQDGDLTLYQSNTILRHLGRTLGLYG
KDQQEAALVDMVNDGVEDLRCKYISLIYTNYEAGKDDYVKALPGQLKPFETLLSQNQGGKTFIVGDQISFADYNLLDLLL
IHEVLAPGCLDAFPLLSAYVGRLSARPKLKAFLASPEYVNLPINGNGKQ
;
_entity_poly.pdbx_strand_id   A,B,C
#
loop_
_chem_comp.id
_chem_comp.type
_chem_comp.name
_chem_comp.formula
GSH non-polymer GLUTATHIONE 'C10 H17 N3 O6 S'
MES non-polymer '2-(N-MORPHOLINO)-ETHANESULFONIC ACID' 'C6 H13 N O4 S'
SO4 non-polymer 'SULFATE ION' 'O4 S -2'
#
# COMPACT_ATOMS: atom_id res chain seq x y z
N PRO A 1 5.91 8.40 28.92
CA PRO A 1 6.94 9.18 28.20
C PRO A 1 8.31 8.65 28.59
N PRO A 2 9.38 9.06 27.88
CA PRO A 2 9.39 9.98 26.72
C PRO A 2 8.77 9.37 25.47
N TYR A 3 8.42 10.22 24.51
CA TYR A 3 7.82 9.75 23.26
C TYR A 3 8.71 10.04 22.06
N THR A 4 8.76 9.09 21.14
CA THR A 4 9.54 9.23 19.91
C THR A 4 8.76 8.57 18.78
N VAL A 5 8.52 9.32 17.71
CA VAL A 5 7.82 8.72 16.57
C VAL A 5 8.84 8.64 15.44
N VAL A 6 8.96 7.45 14.87
CA VAL A 6 9.89 7.17 13.79
C VAL A 6 9.03 7.03 12.54
N TYR A 7 9.23 7.91 11.56
CA TYR A 7 8.42 7.88 10.37
C TYR A 7 9.09 8.61 9.22
N PHE A 8 8.52 8.45 8.03
CA PHE A 8 9.00 9.09 6.83
C PHE A 8 8.60 10.56 6.93
N PRO A 9 9.19 11.43 6.09
CA PRO A 9 8.88 12.86 6.11
C PRO A 9 7.52 13.18 5.46
N VAL A 10 6.46 12.69 6.09
CA VAL A 10 5.11 12.85 5.59
C VAL A 10 4.15 12.95 6.79
N ARG A 11 2.98 13.54 6.58
CA ARG A 11 1.99 13.61 7.65
C ARG A 11 1.43 12.19 7.74
N GLY A 12 0.88 11.71 6.62
CA GLY A 12 0.33 10.37 6.52
C GLY A 12 -0.36 9.78 7.75
N ARG A 13 0.08 8.59 8.14
CA ARG A 13 -0.50 7.90 9.27
C ARG A 13 -0.05 8.39 10.64
N CYS A 14 0.77 9.44 10.68
CA CYS A 14 1.24 9.98 11.95
C CYS A 14 0.57 11.30 12.29
N ALA A 15 -0.12 11.89 11.31
CA ALA A 15 -0.79 13.18 11.50
C ALA A 15 -1.73 13.19 12.71
N ALA A 16 -2.60 12.18 12.79
CA ALA A 16 -3.57 12.09 13.88
C ALA A 16 -2.92 11.94 15.27
N LEU A 17 -1.93 11.07 15.38
CA LEU A 17 -1.28 10.86 16.67
C LEU A 17 -0.47 12.08 17.10
N ARG A 18 0.10 12.80 16.12
CA ARG A 18 0.85 14.01 16.41
C ARG A 18 -0.10 15.09 16.93
N MET A 19 -1.25 15.23 16.28
CA MET A 19 -2.25 16.21 16.71
C MET A 19 -2.69 15.88 18.15
N LEU A 20 -2.87 14.59 18.42
CA LEU A 20 -3.27 14.13 19.74
C LEU A 20 -2.22 14.54 20.78
N LEU A 21 -0.97 14.19 20.51
CA LEU A 21 0.13 14.53 21.41
C LEU A 21 0.23 16.03 21.67
N ALA A 22 0.18 16.81 20.60
CA ALA A 22 0.26 18.27 20.69
C ALA A 22 -0.90 18.85 21.50
N ASP A 23 -2.11 18.45 21.14
CA ASP A 23 -3.30 18.94 21.83
C ASP A 23 -3.33 18.55 23.31
N GLN A 24 -2.72 17.43 23.65
CA GLN A 24 -2.68 16.99 25.04
C GLN A 24 -1.47 17.54 25.79
N GLY A 25 -0.77 18.49 25.17
CA GLY A 25 0.39 19.09 25.79
C GLY A 25 1.55 18.16 26.05
N GLN A 26 1.69 17.15 25.22
CA GLN A 26 2.77 16.17 25.36
C GLN A 26 3.96 16.54 24.49
N SER A 27 5.16 16.21 24.95
CA SER A 27 6.37 16.48 24.20
C SER A 27 6.84 15.15 23.59
N TRP A 28 7.41 15.21 22.41
CA TRP A 28 7.90 14.01 21.75
C TRP A 28 9.02 14.36 20.79
N LYS A 29 9.76 13.36 20.35
CA LYS A 29 10.87 13.55 19.42
C LYS A 29 10.50 12.92 18.09
N GLU A 30 10.94 13.53 17.00
CA GLU A 30 10.67 13.01 15.66
C GLU A 30 11.95 12.44 15.06
N GLU A 31 11.87 11.21 14.58
CA GLU A 31 13.00 10.57 13.92
C GLU A 31 12.56 10.37 12.48
N VAL A 32 13.09 11.19 11.60
CA VAL A 32 12.74 11.15 10.18
C VAL A 32 13.58 10.14 9.38
N VAL A 33 12.90 9.16 8.78
CA VAL A 33 13.55 8.12 8.00
C VAL A 33 13.68 8.48 6.53
N THR A 34 14.93 8.44 6.05
CA THR A 34 15.21 8.76 4.66
C THR A 34 15.10 7.50 3.81
N VAL A 35 15.06 7.70 2.49
CA VAL A 35 14.97 6.57 1.57
C VAL A 35 16.23 5.71 1.69
N GLU A 36 17.39 6.36 1.87
CA GLU A 36 18.63 5.60 2.01
C GLU A 36 18.55 4.66 3.20
N THR A 37 18.14 5.18 4.34
CA THR A 37 18.02 4.37 5.56
C THR A 37 17.04 3.23 5.35
N TRP A 38 15.89 3.52 4.74
CA TRP A 38 14.88 2.50 4.52
C TRP A 38 15.42 1.42 3.57
N GLN A 39 16.08 1.84 2.50
CA GLN A 39 16.64 0.91 1.53
C GLN A 39 17.80 0.10 2.08
N GLU A 40 18.52 0.65 3.05
CA GLU A 40 19.65 -0.06 3.64
C GLU A 40 19.16 -1.41 4.19
N GLY A 41 17.96 -1.43 4.75
CA GLY A 41 17.38 -2.70 5.22
C GLY A 41 17.28 -3.07 6.69
N SER A 42 18.25 -2.67 7.52
CA SER A 42 18.19 -3.05 8.92
C SER A 42 17.00 -2.48 9.71
N LEU A 43 16.66 -1.22 9.48
CA LEU A 43 15.52 -0.60 10.19
C LEU A 43 14.24 -1.38 9.86
N LYS A 44 13.93 -1.49 8.57
CA LYS A 44 12.76 -2.22 8.10
C LYS A 44 12.70 -3.64 8.65
N ALA A 45 13.83 -4.34 8.63
CA ALA A 45 13.92 -5.70 9.11
C ALA A 45 13.62 -5.77 10.62
N SER A 46 14.00 -4.73 11.35
CA SER A 46 13.76 -4.70 12.79
C SER A 46 12.31 -4.33 13.15
N CYS A 47 11.56 -3.77 12.20
CA CYS A 47 10.17 -3.41 12.44
C CYS A 47 9.30 -4.67 12.42
N LEU A 48 8.39 -4.79 13.38
CA LEU A 48 7.52 -5.97 13.49
C LEU A 48 6.89 -6.42 12.18
N TYR A 49 6.26 -5.50 11.48
CA TYR A 49 5.61 -5.82 10.22
C TYR A 49 6.37 -5.17 9.06
N GLY A 50 7.62 -4.82 9.30
CA GLY A 50 8.44 -4.18 8.29
C GLY A 50 7.91 -2.83 7.80
N GLN A 51 7.20 -2.09 8.65
CA GLN A 51 6.64 -0.79 8.26
C GLN A 51 6.69 0.27 9.34
N LEU A 52 6.52 1.54 8.94
CA LEU A 52 6.49 2.67 9.86
C LEU A 52 5.03 3.15 9.85
N PRO A 53 4.61 3.92 10.86
CA PRO A 53 5.35 4.38 12.03
C PRO A 53 5.77 3.36 13.07
N LYS A 54 6.85 3.71 13.77
CA LYS A 54 7.38 2.94 14.87
C LYS A 54 7.24 3.99 15.97
N PHE A 55 6.87 3.57 17.16
CA PHE A 55 6.67 4.50 18.26
C PHE A 55 7.35 3.99 19.52
N GLN A 56 7.98 4.88 20.27
CA GLN A 56 8.65 4.50 21.50
C GLN A 56 8.07 5.32 22.66
N ASP A 57 7.68 4.64 23.74
CA ASP A 57 7.15 5.27 24.93
C ASP A 57 7.95 4.66 26.07
N GLY A 58 9.05 5.31 26.43
CA GLY A 58 9.89 4.76 27.47
C GLY A 58 10.51 3.49 26.91
N ASP A 59 10.45 2.40 27.66
CA ASP A 59 11.01 1.13 27.21
C ASP A 59 10.03 0.33 26.33
N LEU A 60 8.89 0.93 26.04
CA LEU A 60 7.86 0.29 25.21
C LEU A 60 8.00 0.75 23.75
N THR A 61 8.05 -0.21 22.84
CA THR A 61 8.15 0.08 21.41
C THR A 61 6.90 -0.47 20.77
N LEU A 62 6.21 0.35 19.98
CA LEU A 62 4.97 -0.07 19.31
C LEU A 62 5.03 0.20 17.81
N TYR A 63 4.19 -0.53 17.08
CA TYR A 63 4.07 -0.38 15.63
C TYR A 63 2.56 -0.37 15.39
N GLN A 64 2.14 0.12 14.22
CA GLN A 64 0.73 0.22 13.81
C GLN A 64 0.16 1.54 14.31
N SER A 65 -0.20 2.43 13.38
CA SER A 65 -0.73 3.75 13.74
C SER A 65 -1.93 3.71 14.68
N ASN A 66 -2.84 2.77 14.47
CA ASN A 66 -4.02 2.67 15.34
C ASN A 66 -3.68 2.12 16.72
N THR A 67 -2.62 1.32 16.79
CA THR A 67 -2.16 0.79 18.06
C THR A 67 -1.60 1.95 18.87
N ILE A 68 -0.87 2.84 18.19
CA ILE A 68 -0.29 4.01 18.85
C ILE A 68 -1.41 4.92 19.34
N LEU A 69 -2.42 5.15 18.49
CA LEU A 69 -3.56 5.99 18.86
C LEU A 69 -4.30 5.41 20.07
N ARG A 70 -4.57 4.10 20.04
CA ARG A 70 -5.27 3.46 21.16
C ARG A 70 -4.43 3.48 22.43
N HIS A 71 -3.12 3.34 22.27
CA HIS A 71 -2.21 3.36 23.40
C HIS A 71 -2.26 4.73 24.08
N LEU A 72 -2.11 5.78 23.29
CA LEU A 72 -2.15 7.13 23.81
C LEU A 72 -3.55 7.37 24.38
N GLY A 73 -4.53 6.79 23.70
CA GLY A 73 -5.92 6.93 24.11
C GLY A 73 -6.16 6.40 25.51
N ARG A 74 -5.73 5.17 25.80
CA ARG A 74 -5.98 4.64 27.13
C ARG A 74 -5.09 5.25 28.20
N THR A 75 -3.83 5.52 27.89
CA THR A 75 -2.94 6.08 28.89
C THR A 75 -3.21 7.55 29.21
N LEU A 76 -3.81 8.28 28.26
CA LEU A 76 -4.12 9.69 28.47
C LEU A 76 -5.58 9.96 28.79
N GLY A 77 -6.41 8.92 28.85
CA GLY A 77 -7.83 9.11 29.16
C GLY A 77 -8.65 9.65 28.01
N LEU A 78 -8.31 9.21 26.79
CA LEU A 78 -8.99 9.62 25.57
C LEU A 78 -9.64 8.37 24.93
N TYR A 79 -10.33 7.59 25.74
CA TYR A 79 -10.93 6.36 25.24
C TYR A 79 -12.31 6.11 25.86
N GLY A 80 -13.12 7.16 25.93
CA GLY A 80 -14.45 7.03 26.50
C GLY A 80 -14.45 7.09 28.02
N LYS A 81 -15.65 7.26 28.60
CA LYS A 81 -15.79 7.33 30.05
C LYS A 81 -16.03 5.96 30.66
N ASP A 82 -16.52 5.02 29.85
CA ASP A 82 -16.79 3.68 30.33
C ASP A 82 -16.64 2.67 29.19
N GLN A 83 -16.90 1.40 29.47
CA GLN A 83 -16.77 0.36 28.46
C GLN A 83 -17.64 0.58 27.22
N GLN A 84 -18.86 1.07 27.40
CA GLN A 84 -19.74 1.31 26.24
C GLN A 84 -19.18 2.39 25.31
N GLU A 85 -18.72 3.49 25.89
CA GLU A 85 -18.16 4.58 25.11
C GLU A 85 -16.90 4.13 24.39
N ALA A 86 -16.12 3.30 25.05
CA ALA A 86 -14.89 2.79 24.46
C ALA A 86 -15.23 2.03 23.18
N ALA A 87 -16.31 1.26 23.21
CA ALA A 87 -16.76 0.49 22.05
C ALA A 87 -17.19 1.42 20.91
N LEU A 88 -17.89 2.49 21.26
CA LEU A 88 -18.34 3.46 20.27
C LEU A 88 -17.13 4.16 19.67
N VAL A 89 -16.11 4.44 20.49
CA VAL A 89 -14.89 5.10 20.02
C VAL A 89 -14.21 4.18 18.99
N ASP A 90 -14.19 2.88 19.28
CA ASP A 90 -13.60 1.91 18.37
C ASP A 90 -14.36 1.86 17.05
N MET A 91 -15.68 1.86 17.14
CA MET A 91 -16.53 1.82 15.95
C MET A 91 -16.24 2.99 15.03
N VAL A 92 -16.04 4.17 15.63
CA VAL A 92 -15.73 5.36 14.86
C VAL A 92 -14.34 5.22 14.25
N ASN A 93 -13.37 4.83 15.06
CA ASN A 93 -12.01 4.69 14.55
C ASN A 93 -11.87 3.67 13.42
N ASP A 94 -12.59 2.55 13.50
CA ASP A 94 -12.54 1.53 12.46
C ASP A 94 -13.12 2.11 11.18
N GLY A 95 -14.17 2.92 11.32
CA GLY A 95 -14.79 3.55 10.18
C GLY A 95 -13.81 4.49 9.52
N VAL A 96 -13.08 5.26 10.35
CA VAL A 96 -12.08 6.20 9.85
C VAL A 96 -10.98 5.44 9.11
N GLU A 97 -10.52 4.35 9.73
CA GLU A 97 -9.48 3.51 9.14
C GLU A 97 -9.90 2.97 7.77
N ASP A 98 -11.14 2.51 7.67
CA ASP A 98 -11.64 1.98 6.40
C ASP A 98 -11.56 3.01 5.28
N LEU A 99 -12.04 4.22 5.55
CA LEU A 99 -12.00 5.27 4.55
C LEU A 99 -10.56 5.72 4.29
N ARG A 100 -9.72 5.73 5.32
CA ARG A 100 -8.33 6.12 5.16
C ARG A 100 -7.65 5.14 4.20
N CYS A 101 -8.02 3.87 4.28
CA CYS A 101 -7.44 2.86 3.39
C CYS A 101 -7.82 3.13 1.93
N LYS A 102 -9.07 3.53 1.71
CA LYS A 102 -9.54 3.83 0.35
C LYS A 102 -8.82 5.08 -0.16
N TYR A 103 -8.64 6.04 0.73
CA TYR A 103 -7.95 7.29 0.40
C TYR A 103 -6.51 6.97 0.01
N ILE A 104 -5.84 6.17 0.83
CA ILE A 104 -4.44 5.77 0.57
C ILE A 104 -4.34 5.05 -0.76
N SER A 105 -5.29 4.15 -1.02
CA SER A 105 -5.30 3.41 -2.28
C SER A 105 -5.38 4.39 -3.45
N LEU A 106 -6.27 5.38 -3.35
CA LEU A 106 -6.41 6.37 -4.41
C LEU A 106 -5.10 7.11 -4.64
N ILE A 107 -4.60 7.75 -3.59
CA ILE A 107 -3.37 8.53 -3.64
C ILE A 107 -2.14 7.81 -4.23
N TYR A 108 -1.92 6.58 -3.79
CA TYR A 108 -0.74 5.83 -4.24
C TYR A 108 -0.88 4.84 -5.39
N THR A 109 -2.10 4.43 -5.72
CA THR A 109 -2.24 3.44 -6.79
C THR A 109 -3.17 3.77 -7.94
N ASN A 110 -4.02 4.79 -7.81
CA ASN A 110 -4.95 5.09 -8.90
C ASN A 110 -5.50 6.52 -8.84
N TYR A 111 -4.60 7.47 -8.63
CA TYR A 111 -5.01 8.87 -8.52
C TYR A 111 -5.62 9.48 -9.78
N GLU A 112 -4.90 9.41 -10.89
CA GLU A 112 -5.35 9.99 -12.15
C GLU A 112 -6.66 9.42 -12.68
N ALA A 113 -6.74 8.10 -12.77
CA ALA A 113 -7.93 7.43 -13.28
C ALA A 113 -9.05 7.28 -12.26
N GLY A 114 -8.72 7.19 -10.98
CA GLY A 114 -9.74 6.99 -9.97
C GLY A 114 -10.28 8.16 -9.17
N LYS A 115 -9.65 9.33 -9.26
CA LYS A 115 -10.10 10.47 -8.48
C LYS A 115 -11.57 10.87 -8.66
N ASP A 116 -12.00 11.05 -9.91
CA ASP A 116 -13.40 11.44 -10.17
C ASP A 116 -14.42 10.50 -9.53
N ASP A 117 -14.24 9.21 -9.69
CA ASP A 117 -15.15 8.22 -9.12
C ASP A 117 -15.12 8.28 -7.60
N TYR A 118 -13.92 8.43 -7.05
CA TYR A 118 -13.74 8.51 -5.59
C TYR A 118 -14.51 9.70 -5.04
N VAL A 119 -14.34 10.86 -5.66
CA VAL A 119 -15.02 12.08 -5.22
C VAL A 119 -16.54 11.92 -5.34
N LYS A 120 -17.00 11.26 -6.40
CA LYS A 120 -18.43 11.04 -6.57
C LYS A 120 -18.96 10.14 -5.45
N ALA A 121 -18.15 9.19 -5.00
CA ALA A 121 -18.53 8.27 -3.94
C ALA A 121 -18.31 8.86 -2.55
N LEU A 122 -17.55 9.93 -2.46
CA LEU A 122 -17.23 10.57 -1.18
C LEU A 122 -18.41 10.90 -0.25
N PRO A 123 -19.46 11.58 -0.77
CA PRO A 123 -20.60 11.92 0.09
C PRO A 123 -21.17 10.70 0.83
N GLY A 124 -21.24 9.57 0.14
CA GLY A 124 -21.76 8.35 0.75
C GLY A 124 -20.84 7.84 1.84
N GLN A 125 -19.54 8.10 1.69
CA GLN A 125 -18.54 7.68 2.66
C GLN A 125 -18.45 8.60 3.88
N LEU A 126 -18.79 9.86 3.69
CA LEU A 126 -18.73 10.83 4.79
C LEU A 126 -20.00 10.85 5.65
N LYS A 127 -21.13 10.56 5.01
CA LYS A 127 -22.43 10.57 5.71
C LYS A 127 -22.46 9.85 7.07
N PRO A 128 -21.84 8.66 7.18
CA PRO A 128 -21.83 7.94 8.45
C PRO A 128 -21.30 8.77 9.62
N PHE A 129 -20.29 9.60 9.34
CA PHE A 129 -19.70 10.45 10.39
C PHE A 129 -20.60 11.61 10.75
N GLU A 130 -21.30 12.13 9.75
CA GLU A 130 -22.26 13.21 9.97
C GLU A 130 -23.35 12.60 10.86
N THR A 131 -23.71 11.35 10.56
CA THR A 131 -24.71 10.61 11.32
C THR A 131 -24.24 10.40 12.76
N LEU A 132 -22.99 9.97 12.92
CA LEU A 132 -22.43 9.75 14.24
C LEU A 132 -22.54 11.01 15.08
N LEU A 133 -22.23 12.15 14.47
CA LEU A 133 -22.33 13.42 15.18
C LEU A 133 -23.77 13.76 15.55
N SER A 134 -24.69 13.66 14.59
CA SER A 134 -26.08 13.99 14.88
C SER A 134 -26.68 13.11 15.97
N GLN A 135 -26.21 11.87 16.07
CA GLN A 135 -26.68 10.92 17.07
C GLN A 135 -26.11 11.22 18.44
N ASN A 136 -25.00 11.95 18.47
CA ASN A 136 -24.37 12.29 19.74
C ASN A 136 -24.91 13.62 20.23
N GLN A 137 -26.21 13.60 20.55
CA GLN A 137 -26.91 14.79 21.08
C GLN A 137 -26.65 16.05 20.28
N GLY A 138 -26.80 15.96 18.95
CA GLY A 138 -26.63 17.13 18.07
C GLY A 138 -25.27 17.36 17.47
N GLY A 139 -24.26 16.62 17.90
CA GLY A 139 -22.94 16.77 17.34
C GLY A 139 -22.26 18.09 17.70
N LYS A 140 -22.58 18.61 18.86
CA LYS A 140 -22.00 19.90 19.31
C LYS A 140 -20.67 19.81 20.03
N THR A 141 -20.25 18.61 20.40
CA THR A 141 -18.97 18.47 21.10
C THR A 141 -17.99 17.57 20.38
N PHE A 142 -18.00 16.28 20.72
CA PHE A 142 -17.07 15.35 20.12
C PHE A 142 -17.78 14.20 19.40
N ILE A 143 -17.01 13.33 18.75
CA ILE A 143 -17.60 12.23 18.01
C ILE A 143 -18.29 11.19 18.88
N VAL A 144 -17.78 10.97 20.09
CA VAL A 144 -18.37 10.03 21.03
C VAL A 144 -18.42 10.67 22.42
N GLY A 145 -19.61 10.73 23.03
CA GLY A 145 -19.73 11.33 24.35
C GLY A 145 -19.42 12.81 24.39
N ASP A 146 -19.10 13.33 25.56
CA ASP A 146 -18.80 14.76 25.70
C ASP A 146 -17.34 15.04 26.07
N GLN A 147 -16.47 14.09 25.74
CA GLN A 147 -15.05 14.24 26.01
C GLN A 147 -14.29 13.74 24.77
N ILE A 148 -13.17 14.38 24.46
CA ILE A 148 -12.38 14.02 23.29
C ILE A 148 -11.78 12.61 23.42
N SER A 149 -11.62 11.94 22.29
CA SER A 149 -11.06 10.59 22.26
C SER A 149 -10.05 10.52 21.11
N PHE A 150 -9.25 9.47 21.06
CA PHE A 150 -8.28 9.33 19.99
C PHE A 150 -8.98 9.31 18.63
N ALA A 151 -10.23 8.86 18.62
CA ALA A 151 -11.01 8.80 17.40
C ALA A 151 -11.28 10.18 16.79
N ASP A 152 -11.37 11.19 17.66
CA ASP A 152 -11.61 12.56 17.19
C ASP A 152 -10.43 13.04 16.37
N TYR A 153 -9.22 12.78 16.85
CA TYR A 153 -8.03 13.22 16.14
C TYR A 153 -7.88 12.48 14.81
N ASN A 154 -8.23 11.20 14.80
CA ASN A 154 -8.13 10.42 13.57
C ASN A 154 -9.18 10.91 12.56
N LEU A 155 -10.39 11.13 13.03
CA LEU A 155 -11.46 11.62 12.16
C LEU A 155 -11.13 13.02 11.65
N LEU A 156 -10.68 13.89 12.54
CA LEU A 156 -10.31 15.25 12.17
C LEU A 156 -9.32 15.23 11.02
N ASP A 157 -8.28 14.42 11.15
CA ASP A 157 -7.28 14.31 10.10
C ASP A 157 -7.90 13.83 8.80
N LEU A 158 -8.75 12.82 8.90
CA LEU A 158 -9.43 12.26 7.73
C LEU A 158 -10.22 13.35 7.00
N LEU A 159 -10.93 14.17 7.77
CA LEU A 159 -11.74 15.25 7.21
C LEU A 159 -10.85 16.33 6.58
N LEU A 160 -9.78 16.70 7.28
CA LEU A 160 -8.86 17.72 6.77
C LEU A 160 -8.26 17.33 5.41
N ILE A 161 -7.72 16.11 5.32
CA ILE A 161 -7.12 15.68 4.07
C ILE A 161 -8.14 15.53 2.95
N HIS A 162 -9.39 15.24 3.29
CA HIS A 162 -10.41 15.11 2.26
C HIS A 162 -10.84 16.48 1.74
N GLU A 163 -10.75 17.51 2.57
CA GLU A 163 -11.09 18.87 2.15
C GLU A 163 -10.05 19.36 1.15
N VAL A 164 -8.83 18.84 1.26
CA VAL A 164 -7.76 19.20 0.33
C VAL A 164 -7.95 18.43 -0.98
N LEU A 165 -8.36 17.17 -0.85
CA LEU A 165 -8.62 16.32 -2.01
C LEU A 165 -9.83 16.82 -2.80
N ALA A 166 -10.88 17.21 -2.09
CA ALA A 166 -12.10 17.70 -2.72
C ALA A 166 -12.63 18.90 -1.96
N PRO A 167 -12.10 20.10 -2.26
CA PRO A 167 -12.53 21.32 -1.58
C PRO A 167 -14.05 21.44 -1.54
N GLY A 168 -14.58 21.75 -0.37
CA GLY A 168 -16.01 21.89 -0.22
C GLY A 168 -16.79 20.61 -0.01
N CYS A 169 -16.09 19.48 0.14
CA CYS A 169 -16.77 18.20 0.34
C CYS A 169 -17.60 18.17 1.63
N LEU A 170 -17.29 19.06 2.56
CA LEU A 170 -18.02 19.13 3.83
C LEU A 170 -19.18 20.13 3.82
N ASP A 171 -19.41 20.79 2.69
CA ASP A 171 -20.50 21.77 2.60
C ASP A 171 -21.86 21.15 2.85
N ALA A 172 -22.05 19.93 2.35
CA ALA A 172 -23.33 19.22 2.52
C ALA A 172 -23.41 18.52 3.88
N PHE A 173 -22.39 18.70 4.71
CA PHE A 173 -22.35 18.08 6.02
C PHE A 173 -22.04 19.14 7.08
N PRO A 174 -23.07 19.90 7.48
CA PRO A 174 -23.00 20.98 8.48
C PRO A 174 -22.28 20.62 9.77
N LEU A 175 -22.67 19.51 10.37
CA LEU A 175 -22.06 19.07 11.63
C LEU A 175 -20.57 18.78 11.51
N LEU A 176 -20.18 18.04 10.48
CA LEU A 176 -18.76 17.72 10.26
C LEU A 176 -17.95 18.99 9.99
N SER A 177 -18.52 19.91 9.22
CA SER A 177 -17.85 21.17 8.89
C SER A 177 -17.59 21.97 10.17
N ALA A 178 -18.62 22.14 10.99
CA ALA A 178 -18.49 22.88 12.25
C ALA A 178 -17.55 22.17 13.21
N TYR A 179 -17.61 20.84 13.19
CA TYR A 179 -16.77 19.97 14.02
C TYR A 179 -15.29 20.23 13.69
N VAL A 180 -14.98 20.32 12.40
CA VAL A 180 -13.62 20.59 11.94
C VAL A 180 -13.17 21.95 12.49
N GLY A 181 -14.02 22.95 12.34
CA GLY A 181 -13.67 24.28 12.82
C GLY A 181 -13.44 24.33 14.33
N ARG A 182 -14.33 23.69 15.07
CA ARG A 182 -14.26 23.65 16.53
C ARG A 182 -12.96 23.02 17.03
N LEU A 183 -12.71 21.79 16.60
CA LEU A 183 -11.50 21.08 17.01
C LEU A 183 -10.22 21.79 16.60
N SER A 184 -10.19 22.28 15.37
CA SER A 184 -9.00 22.99 14.87
C SER A 184 -8.72 24.27 15.66
N ALA A 185 -9.73 24.79 16.36
CA ALA A 185 -9.59 26.01 17.14
C ALA A 185 -9.02 25.78 18.53
N ARG A 186 -8.99 24.52 18.99
CA ARG A 186 -8.45 24.21 20.31
C ARG A 186 -7.03 24.78 20.32
N PRO A 187 -6.74 25.72 21.23
CA PRO A 187 -5.45 26.39 21.38
C PRO A 187 -4.18 25.60 21.03
N LYS A 188 -3.91 24.51 21.75
CA LYS A 188 -2.72 23.72 21.49
C LYS A 188 -2.71 23.09 20.10
N LEU A 189 -3.87 22.59 19.66
CA LEU A 189 -3.98 21.97 18.34
C LEU A 189 -3.76 23.02 17.24
N LYS A 190 -4.41 24.17 17.39
CA LYS A 190 -4.31 25.28 16.43
C LYS A 190 -2.85 25.69 16.25
N ALA A 191 -2.12 25.79 17.37
CA ALA A 191 -0.71 26.14 17.34
C ALA A 191 0.10 25.08 16.58
N PHE A 192 -0.18 23.80 16.85
CA PHE A 192 0.53 22.73 16.17
C PHE A 192 0.26 22.70 14.67
N LEU A 193 -1.01 22.82 14.28
CA LEU A 193 -1.38 22.80 12.87
C LEU A 193 -0.73 23.92 12.07
N ALA A 194 -0.38 25.02 12.73
CA ALA A 194 0.25 26.15 12.08
C ALA A 194 1.78 26.09 12.14
N SER A 195 2.33 25.19 12.95
CA SER A 195 3.77 25.09 13.10
C SER A 195 4.47 24.50 11.87
N PRO A 196 5.73 24.91 11.63
CA PRO A 196 6.52 24.43 10.48
C PRO A 196 6.58 22.90 10.46
N GLU A 197 6.65 22.32 11.65
CA GLU A 197 6.69 20.87 11.89
C GLU A 197 5.56 20.18 11.12
N TYR A 198 4.42 20.85 11.06
CA TYR A 198 3.25 20.32 10.39
C TYR A 198 3.11 20.84 8.95
N VAL A 199 3.10 22.17 8.81
CA VAL A 199 2.94 22.80 7.50
C VAL A 199 3.96 22.38 6.44
N ASN A 200 5.23 22.20 6.82
CA ASN A 200 6.29 21.81 5.87
C ASN A 200 6.08 20.44 5.23
N LEU A 201 5.51 19.53 6.00
CA LEU A 201 5.29 18.16 5.56
C LEU A 201 4.19 17.95 4.54
N PRO A 202 4.47 17.12 3.51
CA PRO A 202 3.44 16.86 2.51
C PRO A 202 2.47 15.87 3.17
N ILE A 203 1.21 15.88 2.76
CA ILE A 203 0.22 14.98 3.34
C ILE A 203 0.63 13.53 3.04
N ASN A 204 1.05 13.30 1.81
CA ASN A 204 1.43 11.96 1.37
C ASN A 204 2.84 11.88 0.79
N GLY A 205 3.39 10.68 0.71
CA GLY A 205 4.74 10.47 0.21
C GLY A 205 5.07 10.93 -1.20
N ASN A 206 4.08 10.93 -2.07
CA ASN A 206 4.27 11.33 -3.47
C ASN A 206 3.80 12.74 -3.79
N GLY A 207 3.51 13.53 -2.78
CA GLY A 207 3.06 14.89 -3.01
C GLY A 207 1.63 15.04 -3.53
N LYS A 208 0.97 13.94 -3.88
CA LYS A 208 -0.40 13.99 -4.36
C LYS A 208 -1.34 14.23 -3.18
N GLN A 209 -2.41 14.98 -3.42
CA GLN A 209 -3.36 15.30 -2.36
C GLN A 209 -4.71 15.73 -2.91
N PRO B 1 -24.91 -8.78 27.75
CA PRO B 1 -25.79 -9.68 26.97
C PRO B 1 -27.20 -9.13 26.99
N PRO B 2 -28.14 -9.71 26.20
CA PRO B 2 -27.98 -10.86 25.29
C PRO B 2 -27.24 -10.42 24.03
N TYR B 3 -26.63 -11.36 23.32
CA TYR B 3 -25.91 -11.02 22.10
C TYR B 3 -26.61 -11.52 20.85
N THR B 4 -26.54 -10.73 19.78
CA THR B 4 -27.11 -11.13 18.50
C THR B 4 -26.13 -10.71 17.42
N VAL B 5 -25.73 -11.63 16.55
CA VAL B 5 -24.84 -11.25 15.45
C VAL B 5 -25.66 -11.34 14.17
N VAL B 6 -25.69 -10.24 13.43
CA VAL B 6 -26.44 -10.14 12.19
C VAL B 6 -25.39 -10.17 11.09
N TYR B 7 -25.46 -11.20 10.24
CA TYR B 7 -24.47 -11.35 9.19
C TYR B 7 -24.97 -12.23 8.07
N PHE B 8 -24.21 -12.25 6.97
CA PHE B 8 -24.51 -13.06 5.80
C PHE B 8 -24.19 -14.50 6.22
N PRO B 9 -24.78 -15.52 5.55
CA PRO B 9 -24.48 -16.90 5.91
C PRO B 9 -23.09 -17.40 5.48
N VAL B 10 -22.04 -16.86 6.10
CA VAL B 10 -20.66 -17.24 5.81
C VAL B 10 -19.89 -17.06 7.12
N ARG B 11 -18.63 -17.49 7.13
CA ARG B 11 -17.80 -17.35 8.33
C ARG B 11 -17.23 -15.94 8.32
N GLY B 12 -16.51 -15.63 7.25
CA GLY B 12 -15.92 -14.31 7.06
C GLY B 12 -15.42 -13.56 8.27
N ARG B 13 -15.89 -12.31 8.42
CA ARG B 13 -15.48 -11.47 9.53
C ARG B 13 -16.17 -11.75 10.86
N CYS B 14 -17.00 -12.79 10.90
CA CYS B 14 -17.66 -13.15 12.15
C CYS B 14 -17.09 -14.43 12.77
N ALA B 15 -16.26 -15.14 12.01
CA ALA B 15 -15.66 -16.38 12.49
C ALA B 15 -14.92 -16.21 13.82
N ALA B 16 -14.04 -15.22 13.89
CA ALA B 16 -13.26 -14.96 15.10
C ALA B 16 -14.12 -14.62 16.33
N LEU B 17 -15.09 -13.73 16.17
CA LEU B 17 -15.94 -13.34 17.28
C LEU B 17 -16.83 -14.49 17.75
N ARG B 18 -17.24 -15.35 16.81
CA ARG B 18 -18.06 -16.51 17.15
C ARG B 18 -17.22 -17.50 17.96
N MET B 19 -15.98 -17.72 17.53
CA MET B 19 -15.08 -18.63 18.24
C MET B 19 -14.87 -18.11 19.66
N LEU B 20 -14.72 -16.79 19.78
CA LEU B 20 -14.52 -16.14 21.07
C LEU B 20 -15.72 -16.40 21.98
N LEU B 21 -16.92 -16.11 21.47
CA LEU B 21 -18.15 -16.31 22.22
C LEU B 21 -18.32 -17.75 22.67
N ALA B 22 -18.11 -18.68 21.74
CA ALA B 22 -18.23 -20.12 22.02
C ALA B 22 -17.23 -20.56 23.07
N ASP B 23 -15.97 -20.22 22.86
CA ASP B 23 -14.91 -20.61 23.78
C ASP B 23 -15.09 -20.02 25.19
N GLN B 24 -15.74 -18.86 25.27
CA GLN B 24 -15.99 -18.22 26.56
C GLN B 24 -17.31 -18.66 27.17
N GLY B 25 -17.92 -19.69 26.59
CA GLY B 25 -19.18 -20.21 27.10
C GLY B 25 -20.34 -19.24 27.05
N GLN B 26 -20.34 -18.36 26.05
CA GLN B 26 -21.39 -17.38 25.89
C GLN B 26 -22.44 -17.88 24.91
N SER B 27 -23.69 -17.48 25.13
CA SER B 27 -24.77 -17.85 24.24
C SER B 27 -25.12 -16.63 23.39
N TRP B 28 -25.50 -16.86 22.15
CA TRP B 28 -25.86 -15.75 21.27
C TRP B 28 -26.82 -16.24 20.22
N LYS B 29 -27.52 -15.30 19.60
CA LYS B 29 -28.46 -15.59 18.55
C LYS B 29 -27.86 -15.15 17.22
N GLU B 30 -28.18 -15.89 16.16
CA GLU B 30 -27.70 -15.57 14.83
C GLU B 30 -28.87 -15.08 14.00
N GLU B 31 -28.68 -13.92 13.39
CA GLU B 31 -29.67 -13.30 12.51
C GLU B 31 -29.03 -13.44 11.12
N VAL B 32 -29.55 -14.36 10.33
CA VAL B 32 -29.02 -14.61 9.00
C VAL B 32 -29.58 -13.63 7.98
N VAL B 33 -28.70 -13.05 7.17
CA VAL B 33 -29.11 -12.13 6.13
C VAL B 33 -28.80 -12.78 4.79
N THR B 34 -29.83 -13.09 4.02
CA THR B 34 -29.63 -13.73 2.72
C THR B 34 -29.18 -12.69 1.70
N VAL B 35 -28.62 -13.18 0.60
CA VAL B 35 -28.15 -12.31 -0.48
C VAL B 35 -29.33 -11.52 -1.05
N GLU B 36 -30.47 -12.17 -1.18
CA GLU B 36 -31.66 -11.53 -1.71
C GLU B 36 -32.10 -10.38 -0.81
N THR B 37 -32.18 -10.65 0.48
CA THR B 37 -32.57 -9.63 1.47
C THR B 37 -31.57 -8.47 1.41
N TRP B 38 -30.27 -8.79 1.34
CA TRP B 38 -29.26 -7.76 1.30
C TRP B 38 -29.44 -6.88 0.07
N GLN B 39 -29.70 -7.53 -1.07
CA GLN B 39 -29.90 -6.82 -2.33
C GLN B 39 -31.14 -5.92 -2.31
N GLU B 40 -32.11 -6.23 -1.46
CA GLU B 40 -33.32 -5.41 -1.34
C GLU B 40 -32.91 -4.01 -0.89
N GLY B 41 -31.79 -3.91 -0.18
CA GLY B 41 -31.24 -2.63 0.24
C GLY B 41 -31.57 -1.92 1.54
N SER B 42 -32.72 -2.22 2.12
CA SER B 42 -33.14 -1.56 3.35
C SER B 42 -32.26 -1.80 4.58
N LEU B 43 -31.87 -3.04 4.85
CA LEU B 43 -31.01 -3.33 6.00
C LEU B 43 -29.67 -2.60 5.78
N LYS B 44 -29.11 -2.77 4.59
CA LYS B 44 -27.84 -2.15 4.22
C LYS B 44 -27.82 -0.66 4.51
N ALA B 45 -28.83 0.05 4.04
CA ALA B 45 -28.94 1.48 4.25
C ALA B 45 -28.99 1.87 5.72
N SER B 46 -29.57 1.01 6.56
CA SER B 46 -29.68 1.28 7.99
C SER B 46 -28.39 0.98 8.78
N CYS B 47 -27.48 0.22 8.18
CA CYS B 47 -26.20 -0.11 8.81
C CYS B 47 -25.32 1.14 8.74
N LEU B 48 -24.69 1.49 9.85
CA LEU B 48 -23.83 2.69 9.90
C LEU B 48 -22.86 2.85 8.74
N TYR B 49 -22.15 1.79 8.37
CA TYR B 49 -21.20 1.84 7.27
C TYR B 49 -21.68 0.99 6.08
N GLY B 50 -22.99 0.77 6.04
CA GLY B 50 -23.61 -0.01 4.97
C GLY B 50 -23.07 -1.41 4.86
N GLN B 51 -22.58 -1.95 5.97
CA GLN B 51 -22.03 -3.28 5.98
C GLN B 51 -22.31 -4.03 7.27
N LEU B 52 -22.21 -5.34 7.15
CA LEU B 52 -22.37 -6.26 8.27
C LEU B 52 -20.95 -6.74 8.53
N PRO B 53 -20.69 -7.35 9.71
CA PRO B 53 -21.63 -7.64 10.80
C PRO B 53 -22.17 -6.47 11.59
N LYS B 54 -23.35 -6.72 12.16
CA LYS B 54 -24.07 -5.82 13.02
C LYS B 54 -24.12 -6.67 14.29
N PHE B 55 -23.91 -6.08 15.45
CA PHE B 55 -23.91 -6.83 16.70
C PHE B 55 -24.77 -6.15 17.74
N GLN B 56 -25.52 -6.94 18.49
CA GLN B 56 -26.38 -6.39 19.52
C GLN B 56 -26.01 -6.99 20.85
N ASP B 57 -25.85 -6.09 21.81
CA ASP B 57 -25.55 -6.44 23.18
C ASP B 57 -26.55 -5.59 23.95
N GLY B 58 -27.70 -6.19 24.29
CA GLY B 58 -28.72 -5.43 25.00
C GLY B 58 -29.17 -4.27 24.12
N ASP B 59 -29.10 -3.05 24.65
CA ASP B 59 -29.52 -1.88 23.91
C ASP B 59 -28.43 -1.35 22.98
N LEU B 60 -27.22 -1.89 23.11
CA LEU B 60 -26.11 -1.45 22.30
C LEU B 60 -26.04 -2.14 20.95
N THR B 61 -25.78 -1.37 19.90
CA THR B 61 -25.64 -1.93 18.54
C THR B 61 -24.27 -1.50 18.05
N LEU B 62 -23.45 -2.46 17.64
CA LEU B 62 -22.12 -2.14 17.14
C LEU B 62 -21.92 -2.71 15.74
N TYR B 63 -21.11 -2.01 14.95
CA TYR B 63 -20.74 -2.43 13.60
C TYR B 63 -19.22 -2.52 13.66
N GLN B 64 -18.62 -3.09 12.60
CA GLN B 64 -17.18 -3.25 12.50
C GLN B 64 -16.73 -4.43 13.36
N SER B 65 -16.31 -5.49 12.68
CA SER B 65 -15.88 -6.72 13.33
C SER B 65 -14.84 -6.55 14.45
N ASN B 66 -13.87 -5.64 14.25
CA ASN B 66 -12.86 -5.42 15.28
C ASN B 66 -13.40 -4.69 16.49
N THR B 67 -14.44 -3.89 16.28
CA THR B 67 -15.08 -3.18 17.38
C THR B 67 -15.80 -4.22 18.25
N ILE B 68 -16.43 -5.19 17.59
CA ILE B 68 -17.12 -6.27 18.30
C ILE B 68 -16.11 -7.10 19.08
N LEU B 69 -14.99 -7.43 18.45
CA LEU B 69 -13.93 -8.21 19.11
C LEU B 69 -13.39 -7.47 20.32
N ARG B 70 -13.08 -6.18 20.16
CA ARG B 70 -12.56 -5.39 21.27
C ARG B 70 -13.59 -5.24 22.38
N HIS B 71 -14.85 -5.10 22.00
CA HIS B 71 -15.93 -4.96 22.97
C HIS B 71 -16.01 -6.22 23.83
N LEU B 72 -16.07 -7.37 23.18
CA LEU B 72 -16.11 -8.65 23.87
C LEU B 72 -14.83 -8.82 24.67
N GLY B 73 -13.71 -8.41 24.07
CA GLY B 73 -12.42 -8.51 24.73
C GLY B 73 -12.34 -7.73 26.02
N ARG B 74 -12.79 -6.47 26.04
CA ARG B 74 -12.72 -5.71 27.28
C ARG B 74 -13.79 -6.10 28.29
N THR B 75 -14.99 -6.44 27.84
CA THR B 75 -16.04 -6.83 28.77
C THR B 75 -15.86 -8.22 29.38
N LEU B 76 -15.20 -9.13 28.65
CA LEU B 76 -14.97 -10.49 29.12
C LEU B 76 -13.56 -10.73 29.69
N GLY B 77 -12.74 -9.68 29.74
CA GLY B 77 -11.40 -9.82 30.29
C GLY B 77 -10.41 -10.53 29.37
N LEU B 78 -10.51 -10.27 28.07
CA LEU B 78 -9.64 -10.85 27.07
C LEU B 78 -8.91 -9.71 26.34
N TYR B 79 -8.34 -8.80 27.12
CA TYR B 79 -7.66 -7.64 26.55
C TYR B 79 -6.40 -7.30 27.33
N GLY B 80 -5.61 -8.31 27.65
CA GLY B 80 -4.38 -8.09 28.41
C GLY B 80 -4.60 -7.94 29.90
N LYS B 81 -3.52 -8.02 30.66
CA LYS B 81 -3.58 -7.91 32.11
C LYS B 81 -3.38 -6.47 32.56
N ASP B 82 -2.82 -5.64 31.69
CA ASP B 82 -2.58 -4.24 32.01
C ASP B 82 -2.55 -3.40 30.73
N GLN B 83 -2.34 -2.09 30.86
CA GLN B 83 -2.31 -1.20 29.71
C GLN B 83 -1.27 -1.55 28.66
N GLN B 84 -0.08 -1.96 29.10
CA GLN B 84 0.97 -2.34 28.15
C GLN B 84 0.58 -3.57 27.34
N GLU B 85 0.03 -4.58 28.02
CA GLU B 85 -0.40 -5.79 27.32
C GLU B 85 -1.54 -5.50 26.37
N ALA B 86 -2.43 -4.59 26.77
CA ALA B 86 -3.56 -4.20 25.93
C ALA B 86 -3.01 -3.63 24.62
N ALA B 87 -1.92 -2.86 24.72
CA ALA B 87 -1.29 -2.27 23.54
C ALA B 87 -0.71 -3.34 22.62
N LEU B 88 -0.09 -4.35 23.24
CA LEU B 88 0.48 -5.46 22.47
C LEU B 88 -0.63 -6.25 21.79
N VAL B 89 -1.77 -6.41 22.47
CA VAL B 89 -2.90 -7.12 21.91
C VAL B 89 -3.40 -6.37 20.67
N ASP B 90 -3.43 -5.03 20.76
CA ASP B 90 -3.86 -4.20 19.64
C ASP B 90 -2.89 -4.35 18.47
N MET B 91 -1.60 -4.33 18.77
CA MET B 91 -0.58 -4.45 17.74
C MET B 91 -0.74 -5.74 16.95
N VAL B 92 -1.06 -6.82 17.66
CA VAL B 92 -1.28 -8.11 17.04
C VAL B 92 -2.54 -8.07 16.19
N ASN B 93 -3.63 -7.56 16.76
CA ASN B 93 -4.88 -7.50 16.04
C ASN B 93 -4.83 -6.66 14.77
N ASP B 94 -4.11 -5.54 14.82
CA ASP B 94 -3.98 -4.67 13.65
C ASP B 94 -3.21 -5.42 12.57
N GLY B 95 -2.22 -6.20 13.00
CA GLY B 95 -1.43 -6.98 12.05
C GLY B 95 -2.32 -8.02 11.39
N VAL B 96 -3.17 -8.66 12.19
CA VAL B 96 -4.10 -9.67 11.68
C VAL B 96 -5.05 -9.02 10.68
N GLU B 97 -5.59 -7.85 11.04
CA GLU B 97 -6.52 -7.12 10.18
C GLU B 97 -5.87 -6.77 8.84
N ASP B 98 -4.62 -6.33 8.87
CA ASP B 98 -3.92 -5.97 7.64
C ASP B 98 -3.84 -7.15 6.68
N LEU B 99 -3.43 -8.31 7.20
CA LEU B 99 -3.33 -9.48 6.35
C LEU B 99 -4.72 -9.96 5.93
N ARG B 100 -5.70 -9.84 6.82
CA ARG B 100 -7.07 -10.25 6.48
C ARG B 100 -7.58 -9.42 5.30
N CYS B 101 -7.20 -8.15 5.25
CA CYS B 101 -7.62 -7.28 4.16
C CYS B 101 -7.03 -7.74 2.84
N LYS B 102 -5.76 -8.15 2.86
CA LYS B 102 -5.09 -8.65 1.67
C LYS B 102 -5.74 -9.96 1.23
N TYR B 103 -6.09 -10.79 2.21
CA TYR B 103 -6.73 -12.07 1.94
C TYR B 103 -8.09 -11.83 1.28
N ILE B 104 -8.87 -10.91 1.86
CA ILE B 104 -10.19 -10.57 1.34
C ILE B 104 -10.08 -10.03 -0.08
N SER B 105 -9.08 -9.19 -0.32
CA SER B 105 -8.86 -8.62 -1.64
C SER B 105 -8.61 -9.76 -2.63
N LEU B 106 -7.77 -10.72 -2.26
CA LEU B 106 -7.48 -11.86 -3.13
C LEU B 106 -8.76 -12.63 -3.47
N ILE B 107 -9.43 -13.11 -2.43
CA ILE B 107 -10.65 -13.90 -2.58
C ILE B 107 -11.75 -13.27 -3.43
N TYR B 108 -12.03 -11.99 -3.21
CA TYR B 108 -13.09 -11.31 -3.93
C TYR B 108 -12.75 -10.50 -5.17
N THR B 109 -11.50 -10.12 -5.36
CA THR B 109 -11.17 -9.30 -6.53
C THR B 109 -10.07 -9.78 -7.46
N ASN B 110 -9.30 -10.79 -7.08
CA ASN B 110 -8.21 -11.22 -7.95
C ASN B 110 -7.72 -12.62 -7.65
N TYR B 111 -8.64 -13.54 -7.38
CA TYR B 111 -8.28 -14.92 -7.02
C TYR B 111 -7.47 -15.70 -8.07
N GLU B 112 -8.02 -15.80 -9.29
CA GLU B 112 -7.37 -16.56 -10.36
C GLU B 112 -5.99 -16.05 -10.74
N ALA B 113 -5.88 -14.74 -11.01
CA ALA B 113 -4.61 -14.15 -11.41
C ALA B 113 -3.65 -13.85 -10.26
N GLY B 114 -4.19 -13.58 -9.07
CA GLY B 114 -3.34 -13.25 -7.95
C GLY B 114 -2.94 -14.30 -6.93
N LYS B 115 -3.59 -15.46 -6.94
CA LYS B 115 -3.27 -16.49 -5.95
C LYS B 115 -1.81 -16.90 -5.84
N ASP B 116 -1.18 -17.24 -6.97
CA ASP B 116 0.23 -17.65 -6.95
C ASP B 116 1.14 -16.64 -6.32
N ASP B 117 1.02 -15.36 -6.66
CA ASP B 117 1.84 -14.31 -6.10
C ASP B 117 1.58 -14.16 -4.60
N TYR B 118 0.30 -14.23 -4.23
CA TYR B 118 -0.10 -14.11 -2.83
C TYR B 118 0.56 -15.21 -1.99
N VAL B 119 0.46 -16.45 -2.48
CA VAL B 119 1.06 -17.59 -1.78
C VAL B 119 2.58 -17.43 -1.66
N LYS B 120 3.23 -16.87 -2.69
CA LYS B 120 4.68 -16.66 -2.66
C LYS B 120 5.03 -15.62 -1.60
N ALA B 121 4.14 -14.66 -1.45
CA ALA B 121 4.38 -13.61 -0.48
C ALA B 121 3.93 -14.00 0.93
N LEU B 122 3.14 -15.06 1.04
CA LEU B 122 2.62 -15.51 2.33
C LEU B 122 3.63 -15.71 3.46
N PRO B 123 4.74 -16.45 3.21
CA PRO B 123 5.72 -16.66 4.28
C PRO B 123 6.18 -15.35 4.94
N GLY B 124 6.40 -14.33 4.12
CA GLY B 124 6.82 -13.04 4.63
C GLY B 124 5.76 -12.38 5.49
N GLN B 125 4.50 -12.65 5.20
CA GLN B 125 3.40 -12.07 5.95
C GLN B 125 3.12 -12.81 7.25
N LEU B 126 3.39 -14.13 7.25
CA LEU B 126 3.16 -14.94 8.45
C LEU B 126 4.27 -14.84 9.48
N LYS B 127 5.51 -14.64 9.00
CA LYS B 127 6.67 -14.54 9.88
C LYS B 127 6.50 -13.65 11.12
N PRO B 128 5.92 -12.43 10.95
CA PRO B 128 5.72 -11.55 12.11
C PRO B 128 5.00 -12.23 13.28
N PHE B 129 4.03 -13.09 12.98
CA PHE B 129 3.27 -13.77 14.02
C PHE B 129 4.07 -14.89 14.70
N GLU B 130 4.94 -15.56 13.95
CA GLU B 130 5.79 -16.62 14.50
C GLU B 130 6.76 -16.01 15.50
N THR B 131 7.34 -14.87 15.12
CA THR B 131 8.29 -14.13 15.95
C THR B 131 7.65 -13.71 17.29
N LEU B 132 6.44 -13.16 17.24
CA LEU B 132 5.73 -12.74 18.46
C LEU B 132 5.62 -13.94 19.39
N LEU B 133 5.18 -15.07 18.84
CA LEU B 133 5.06 -16.27 19.64
C LEU B 133 6.38 -16.66 20.29
N SER B 134 7.46 -16.65 19.52
CA SER B 134 8.77 -17.02 20.06
C SER B 134 9.21 -16.15 21.24
N GLN B 135 8.78 -14.89 21.24
CA GLN B 135 9.14 -13.96 22.32
C GLN B 135 8.23 -14.09 23.53
N ASN B 136 7.14 -14.83 23.39
CA ASN B 136 6.23 -15.01 24.51
C ASN B 136 6.24 -16.43 25.05
N GLN B 137 7.09 -16.63 26.05
CA GLN B 137 7.24 -17.92 26.73
C GLN B 137 7.45 -19.09 25.74
N GLY B 138 8.33 -18.86 24.78
CA GLY B 138 8.66 -19.86 23.79
C GLY B 138 7.54 -20.24 22.86
N GLY B 139 6.52 -19.39 22.77
CA GLY B 139 5.39 -19.66 21.91
C GLY B 139 4.53 -20.80 22.43
N LYS B 140 4.66 -21.08 23.73
CA LYS B 140 3.92 -22.18 24.35
C LYS B 140 2.57 -21.81 24.95
N THR B 141 2.21 -20.53 24.95
CA THR B 141 0.92 -20.12 25.51
C THR B 141 0.02 -19.39 24.50
N PHE B 142 -0.13 -18.08 24.66
CA PHE B 142 -0.97 -17.27 23.79
C PHE B 142 -0.14 -16.24 23.03
N ILE B 143 -0.77 -15.47 22.15
CA ILE B 143 -0.05 -14.47 21.36
C ILE B 143 0.51 -13.31 22.18
N VAL B 144 -0.17 -12.94 23.27
CA VAL B 144 0.27 -11.86 24.14
C VAL B 144 0.08 -12.31 25.59
N GLY B 145 1.16 -12.28 26.37
CA GLY B 145 1.07 -12.68 27.78
C GLY B 145 0.72 -14.14 27.98
N ASP B 146 0.21 -14.48 29.16
CA ASP B 146 -0.14 -15.86 29.45
C ASP B 146 -1.65 -16.10 29.61
N GLN B 147 -2.47 -15.21 29.06
CA GLN B 147 -3.91 -15.35 29.10
C GLN B 147 -4.41 -15.04 27.69
N ILE B 148 -5.50 -15.70 27.29
CA ILE B 148 -6.08 -15.50 25.96
C ILE B 148 -6.65 -14.09 25.79
N SER B 149 -6.62 -13.58 24.56
CA SER B 149 -7.14 -12.25 24.26
C SER B 149 -7.95 -12.35 22.98
N PHE B 150 -8.72 -11.31 22.65
CA PHE B 150 -9.52 -11.34 21.43
C PHE B 150 -8.61 -11.51 20.21
N ALA B 151 -7.36 -11.06 20.34
CA ALA B 151 -6.39 -11.16 19.24
C ALA B 151 -6.07 -12.62 18.91
N ASP B 152 -6.14 -13.50 19.90
CA ASP B 152 -5.86 -14.92 19.67
C ASP B 152 -6.90 -15.52 18.75
N TYR B 153 -8.16 -15.20 18.99
CA TYR B 153 -9.24 -15.72 18.16
C TYR B 153 -9.16 -15.19 16.75
N ASN B 154 -8.80 -13.93 16.61
CA ASN B 154 -8.68 -13.33 15.28
C ASN B 154 -7.50 -13.94 14.53
N LEU B 155 -6.37 -14.10 15.20
CA LEU B 155 -5.18 -14.69 14.59
C LEU B 155 -5.46 -16.16 14.24
N LEU B 156 -6.08 -16.90 15.16
CA LEU B 156 -6.39 -18.31 14.93
C LEU B 156 -7.20 -18.44 13.64
N ASP B 157 -8.23 -17.63 13.50
CA ASP B 157 -9.06 -17.68 12.30
C ASP B 157 -8.22 -17.38 11.06
N LEU B 158 -7.38 -16.35 11.14
CA LEU B 158 -6.52 -15.96 10.03
C LEU B 158 -5.64 -17.14 9.60
N LEU B 159 -5.08 -17.85 10.58
CA LEU B 159 -4.22 -18.99 10.30
C LEU B 159 -5.01 -20.15 9.70
N LEU B 160 -6.18 -20.43 10.27
CA LEU B 160 -7.03 -21.50 9.76
C LEU B 160 -7.41 -21.31 8.30
N ILE B 161 -7.90 -20.12 7.96
CA ILE B 161 -8.30 -19.87 6.57
C ILE B 161 -7.11 -19.88 5.62
N HIS B 162 -5.92 -19.53 6.11
CA HIS B 162 -4.76 -19.55 5.24
C HIS B 162 -4.27 -20.96 4.96
N GLU B 163 -4.54 -21.88 5.88
CA GLU B 163 -4.15 -23.26 5.66
C GLU B 163 -5.10 -23.87 4.62
N VAL B 164 -6.26 -23.26 4.43
CA VAL B 164 -7.21 -23.74 3.43
C VAL B 164 -6.79 -23.19 2.06
N LEU B 165 -6.39 -21.92 2.05
CA LEU B 165 -5.96 -21.25 0.83
C LEU B 165 -4.63 -21.81 0.32
N ALA B 166 -3.69 -21.99 1.22
CA ALA B 166 -2.37 -22.50 0.87
C ALA B 166 -1.96 -23.58 1.86
N PRO B 167 -2.45 -24.81 1.64
CA PRO B 167 -2.13 -25.95 2.51
C PRO B 167 -0.62 -26.09 2.72
N GLY B 168 -0.22 -26.26 3.97
CA GLY B 168 1.19 -26.39 4.27
C GLY B 168 1.92 -25.09 4.55
N CYS B 169 1.21 -23.96 4.47
CA CYS B 169 1.85 -22.67 4.71
C CYS B 169 2.47 -22.51 6.10
N LEU B 170 1.99 -23.30 7.07
CA LEU B 170 2.52 -23.23 8.45
C LEU B 170 3.64 -24.21 8.78
N ASP B 171 3.98 -25.09 7.85
CA ASP B 171 5.04 -26.06 8.09
C ASP B 171 6.36 -25.40 8.46
N ALA B 172 6.65 -24.27 7.84
CA ALA B 172 7.89 -23.53 8.11
C ALA B 172 7.77 -22.66 9.35
N PHE B 173 6.64 -22.73 10.02
CA PHE B 173 6.39 -21.93 11.22
C PHE B 173 5.91 -22.84 12.35
N PRO B 174 6.85 -23.53 13.02
CA PRO B 174 6.60 -24.47 14.12
C PRO B 174 5.68 -23.93 15.22
N LEU B 175 6.00 -22.75 15.73
CA LEU B 175 5.21 -22.14 16.80
C LEU B 175 3.76 -21.87 16.40
N LEU B 176 3.55 -21.28 15.23
CA LEU B 176 2.20 -20.99 14.75
C LEU B 176 1.41 -22.28 14.53
N SER B 177 2.08 -23.30 14.00
CA SER B 177 1.44 -24.58 13.74
C SER B 177 0.95 -25.21 15.07
N ALA B 178 1.84 -25.27 16.06
CA ALA B 178 1.50 -25.84 17.36
C ALA B 178 0.43 -24.98 18.05
N TYR B 179 0.53 -23.66 17.86
CA TYR B 179 -0.40 -22.69 18.42
C TYR B 179 -1.82 -22.96 17.91
N VAL B 180 -1.99 -23.12 16.61
CA VAL B 180 -3.30 -23.37 16.03
C VAL B 180 -3.94 -24.62 16.63
N GLY B 181 -3.16 -25.69 16.76
CA GLY B 181 -3.67 -26.92 17.32
C GLY B 181 -4.01 -26.83 18.79
N ARG B 182 -3.24 -26.06 19.53
CA ARG B 182 -3.46 -25.88 20.97
C ARG B 182 -4.78 -25.15 21.21
N LEU B 183 -4.97 -24.02 20.51
CA LEU B 183 -6.19 -23.24 20.66
C LEU B 183 -7.40 -24.02 20.14
N SER B 184 -7.20 -24.78 19.04
CA SER B 184 -8.28 -25.57 18.46
C SER B 184 -8.71 -26.72 19.37
N ALA B 185 -7.82 -27.12 20.27
CA ALA B 185 -8.11 -28.23 21.19
C ALA B 185 -8.88 -27.81 22.43
N ARG B 186 -8.94 -26.51 22.70
CA ARG B 186 -9.69 -26.02 23.85
C ARG B 186 -11.10 -26.58 23.73
N PRO B 187 -11.54 -27.38 24.71
CA PRO B 187 -12.86 -28.04 24.73
C PRO B 187 -14.04 -27.30 24.08
N LYS B 188 -14.40 -26.14 24.61
CA LYS B 188 -15.52 -25.38 24.03
C LYS B 188 -15.30 -24.95 22.59
N LEU B 189 -14.07 -24.52 22.27
CA LEU B 189 -13.75 -24.09 20.91
C LEU B 189 -13.82 -25.28 19.96
N LYS B 190 -13.24 -26.40 20.39
CA LYS B 190 -13.20 -27.63 19.60
C LYS B 190 -14.63 -28.03 19.23
N ALA B 191 -15.51 -28.02 20.21
CA ALA B 191 -16.90 -28.36 20.01
C ALA B 191 -17.56 -27.43 18.99
N PHE B 192 -17.29 -26.13 19.11
CA PHE B 192 -17.87 -25.16 18.18
C PHE B 192 -17.37 -25.35 16.75
N LEU B 193 -16.06 -25.53 16.59
CA LEU B 193 -15.47 -25.71 15.27
C LEU B 193 -16.01 -26.93 14.54
N ALA B 194 -16.47 -27.91 15.29
CA ALA B 194 -17.02 -29.13 14.71
C ALA B 194 -18.54 -29.07 14.52
N SER B 195 -19.19 -28.06 15.11
CA SER B 195 -20.64 -27.95 15.01
C SER B 195 -21.12 -27.60 13.62
N PRO B 196 -22.30 -28.12 13.23
CA PRO B 196 -22.92 -27.89 11.92
C PRO B 196 -23.00 -26.38 11.68
N GLU B 197 -23.25 -25.66 12.77
CA GLU B 197 -23.38 -24.22 12.79
C GLU B 197 -22.15 -23.53 12.18
N TYR B 198 -20.99 -24.14 12.38
CA TYR B 198 -19.73 -23.63 11.84
C TYR B 198 -19.36 -24.34 10.54
N VAL B 199 -19.41 -25.67 10.56
CA VAL B 199 -19.05 -26.50 9.42
C VAL B 199 -19.87 -26.27 8.14
N ASN B 200 -21.17 -26.10 8.29
CA ASN B 200 -22.07 -25.90 7.15
C ASN B 200 -21.91 -24.54 6.45
N LEU B 201 -21.16 -23.64 7.07
CA LEU B 201 -20.96 -22.31 6.51
C LEU B 201 -19.73 -22.20 5.64
N PRO B 202 -19.86 -21.53 4.48
CA PRO B 202 -18.66 -21.40 3.65
C PRO B 202 -17.78 -20.32 4.29
N ILE B 203 -16.47 -20.41 4.06
CA ILE B 203 -15.53 -19.44 4.63
C ILE B 203 -15.85 -18.04 4.10
N ASN B 204 -16.05 -17.97 2.79
CA ASN B 204 -16.35 -16.70 2.13
C ASN B 204 -17.68 -16.80 1.42
N GLY B 205 -18.13 -15.68 0.84
CA GLY B 205 -19.43 -15.68 0.18
C GLY B 205 -19.46 -15.87 -1.32
N ASN B 206 -18.30 -16.02 -1.96
CA ASN B 206 -18.27 -16.19 -3.41
C ASN B 206 -17.79 -17.58 -3.86
N GLY B 207 -17.82 -18.53 -2.94
CA GLY B 207 -17.43 -19.89 -3.26
C GLY B 207 -15.93 -20.11 -3.44
N LYS B 208 -15.11 -19.14 -3.05
CA LYS B 208 -13.67 -19.28 -3.22
C LYS B 208 -13.02 -19.35 -1.84
N GLN B 209 -11.88 -20.05 -1.76
CA GLN B 209 -11.15 -20.22 -0.51
C GLN B 209 -9.76 -20.75 -0.78
N PRO C 1 7.43 5.59 -43.37
CA PRO C 1 8.51 4.68 -43.83
C PRO C 1 8.94 5.10 -45.22
N PRO C 2 10.09 4.58 -45.72
CA PRO C 2 11.01 3.61 -45.10
C PRO C 2 11.86 4.26 -44.02
N TYR C 3 12.38 3.44 -43.10
CA TYR C 3 13.20 3.94 -42.00
C TYR C 3 14.67 3.56 -42.17
N THR C 4 15.57 4.48 -41.82
CA THR C 4 17.01 4.23 -41.87
C THR C 4 17.65 4.82 -40.61
N VAL C 5 18.41 4.00 -39.91
CA VAL C 5 19.11 4.42 -38.70
C VAL C 5 20.59 4.54 -39.02
N VAL C 6 21.17 5.73 -38.80
CA VAL C 6 22.59 5.95 -39.06
C VAL C 6 23.24 6.10 -37.69
N TYR C 7 24.12 5.17 -37.35
CA TYR C 7 24.74 5.21 -36.03
C TYR C 7 26.04 4.41 -36.00
N PHE C 8 26.78 4.57 -34.91
CA PHE C 8 28.02 3.86 -34.70
C PHE C 8 27.66 2.42 -34.36
N PRO C 9 28.63 1.50 -34.44
CA PRO C 9 28.37 0.09 -34.14
C PRO C 9 28.21 -0.19 -32.64
N VAL C 10 27.21 0.42 -32.02
CA VAL C 10 26.94 0.23 -30.60
C VAL C 10 25.43 0.29 -30.37
N ARG C 11 24.96 -0.27 -29.26
CA ARG C 11 23.54 -0.24 -28.94
C ARG C 11 23.25 1.21 -28.53
N GLY C 12 23.96 1.67 -27.51
CA GLY C 12 23.83 3.04 -27.03
C GLY C 12 22.47 3.71 -27.07
N ARG C 13 22.42 4.89 -27.70
CA ARG C 13 21.18 5.64 -27.80
C ARG C 13 20.20 5.17 -28.87
N CYS C 14 20.52 4.09 -29.55
CA CYS C 14 19.63 3.55 -30.58
C CYS C 14 18.95 2.27 -30.13
N ALA C 15 19.39 1.70 -29.02
CA ALA C 15 18.83 0.45 -28.52
C ALA C 15 17.31 0.52 -28.31
N ALA C 16 16.86 1.58 -27.64
CA ALA C 16 15.44 1.76 -27.37
C ALA C 16 14.59 1.91 -28.62
N LEU C 17 15.03 2.75 -29.55
CA LEU C 17 14.26 2.95 -30.78
C LEU C 17 14.24 1.70 -31.66
N ARG C 18 15.31 0.92 -31.62
CA ARG C 18 15.39 -0.32 -32.40
C ARG C 18 14.41 -1.32 -31.80
N MET C 19 14.37 -1.43 -30.47
CA MET C 19 13.44 -2.33 -29.80
C MET C 19 12.01 -1.95 -30.15
N LEU C 20 11.75 -0.64 -30.19
CA LEU C 20 10.43 -0.12 -30.52
C LEU C 20 10.05 -0.56 -31.94
N LEU C 21 10.93 -0.30 -32.89
CA LEU C 21 10.70 -0.65 -34.29
C LEU C 21 10.43 -2.13 -34.45
N ALA C 22 11.29 -2.96 -33.85
CA ALA C 22 11.18 -4.41 -33.92
C ALA C 22 9.87 -4.91 -33.32
N ASP C 23 9.57 -4.46 -32.11
CA ASP C 23 8.37 -4.86 -31.41
C ASP C 23 7.09 -4.43 -32.14
N GLN C 24 7.17 -3.32 -32.88
CA GLN C 24 6.01 -2.84 -33.63
C GLN C 24 5.95 -3.44 -35.04
N GLY C 25 6.79 -4.43 -35.30
CA GLY C 25 6.81 -5.09 -36.60
C GLY C 25 7.22 -4.21 -37.76
N GLN C 26 8.08 -3.24 -37.48
CA GLN C 26 8.54 -2.31 -38.51
C GLN C 26 9.88 -2.79 -39.08
N SER C 27 10.10 -2.49 -40.35
CA SER C 27 11.34 -2.85 -41.01
C SER C 27 12.16 -1.57 -41.15
N TRP C 28 13.47 -1.69 -41.04
CA TRP C 28 14.35 -0.53 -41.17
C TRP C 28 15.72 -0.99 -41.65
N LYS C 29 16.50 -0.03 -42.14
CA LYS C 29 17.85 -0.29 -42.63
C LYS C 29 18.85 0.36 -41.67
N GLU C 30 19.95 -0.33 -41.42
CA GLU C 30 21.00 0.18 -40.54
C GLU C 30 22.21 0.60 -41.37
N GLU C 31 22.66 1.83 -41.17
CA GLU C 31 23.84 2.32 -41.86
C GLU C 31 24.85 2.56 -40.76
N VAL C 32 25.82 1.65 -40.68
CA VAL C 32 26.85 1.72 -39.66
C VAL C 32 27.96 2.70 -40.01
N VAL C 33 28.29 3.59 -39.08
CA VAL C 33 29.35 4.57 -39.31
C VAL C 33 30.63 4.18 -38.60
N THR C 34 31.70 4.04 -39.38
CA THR C 34 33.00 3.67 -38.83
C THR C 34 33.74 4.90 -38.30
N VAL C 35 34.81 4.67 -37.53
CA VAL C 35 35.61 5.73 -36.99
C VAL C 35 36.28 6.51 -38.13
N GLU C 36 36.75 5.79 -39.15
CA GLU C 36 37.42 6.47 -40.26
C GLU C 36 36.45 7.43 -40.94
N THR C 37 35.21 7.00 -41.14
CA THR C 37 34.18 7.86 -41.76
C THR C 37 33.92 9.07 -40.89
N TRP C 38 33.74 8.83 -39.59
CA TRP C 38 33.46 9.92 -38.67
C TRP C 38 34.61 10.94 -38.64
N GLN C 39 35.85 10.44 -38.54
CA GLN C 39 37.03 11.31 -38.49
C GLN C 39 37.22 12.10 -39.78
N GLU C 40 36.79 11.53 -40.91
CA GLU C 40 36.93 12.20 -42.19
C GLU C 40 36.24 13.57 -42.10
N GLY C 41 35.17 13.63 -41.29
CA GLY C 41 34.47 14.88 -41.04
C GLY C 41 33.28 15.38 -41.84
N SER C 42 33.14 14.98 -43.10
CA SER C 42 32.02 15.49 -43.89
C SER C 42 30.64 15.02 -43.43
N LEU C 43 30.54 13.79 -42.94
CA LEU C 43 29.24 13.30 -42.47
C LEU C 43 28.88 14.08 -41.21
N LYS C 44 29.83 14.19 -40.28
CA LYS C 44 29.63 14.91 -39.03
C LYS C 44 29.13 16.32 -39.28
N ALA C 45 29.83 17.04 -40.16
CA ALA C 45 29.49 18.42 -40.46
C ALA C 45 28.08 18.57 -41.03
N SER C 46 27.62 17.57 -41.79
CA SER C 46 26.28 17.63 -42.36
C SER C 46 25.17 17.29 -41.35
N CYS C 47 25.53 16.72 -40.21
CA CYS C 47 24.55 16.39 -39.17
C CYS C 47 24.18 17.68 -38.46
N LEU C 48 22.89 17.92 -38.25
CA LEU C 48 22.44 19.16 -37.60
C LEU C 48 23.20 19.59 -36.35
N TYR C 49 23.38 18.66 -35.42
CA TYR C 49 24.09 18.98 -34.17
C TYR C 49 25.43 18.26 -34.12
N GLY C 50 25.89 17.79 -35.29
CA GLY C 50 27.15 17.09 -35.41
C GLY C 50 27.26 15.77 -34.68
N GLN C 51 26.12 15.13 -34.44
CA GLN C 51 26.14 13.87 -33.71
C GLN C 51 25.16 12.84 -34.27
N LEU C 52 25.36 11.59 -33.89
CA LEU C 52 24.47 10.49 -34.28
C LEU C 52 23.74 10.09 -33.00
N PRO C 53 22.60 9.39 -33.12
CA PRO C 53 21.95 8.92 -34.35
C PRO C 53 21.32 9.94 -35.29
N LYS C 54 21.27 9.55 -36.55
CA LYS C 54 20.64 10.30 -37.64
C LYS C 54 19.55 9.31 -38.08
N PHE C 55 18.34 9.81 -38.29
CA PHE C 55 17.25 8.92 -38.65
C PHE C 55 16.54 9.43 -39.88
N GLN C 56 16.16 8.53 -40.77
CA GLN C 56 15.47 8.90 -41.98
C GLN C 56 14.14 8.17 -42.07
N ASP C 57 13.08 8.91 -42.39
CA ASP C 57 11.75 8.36 -42.54
C ASP C 57 11.25 8.98 -43.82
N GLY C 58 11.42 8.27 -44.94
CA GLY C 58 11.01 8.81 -46.23
C GLY C 58 11.87 10.02 -46.52
N ASP C 59 11.24 11.16 -46.77
CA ASP C 59 11.95 12.40 -47.07
C ASP C 59 12.37 13.15 -45.80
N LEU C 60 11.87 12.71 -44.65
CA LEU C 60 12.16 13.36 -43.39
C LEU C 60 13.46 12.86 -42.76
N THR C 61 14.29 13.77 -42.27
CA THR C 61 15.52 13.41 -41.60
C THR C 61 15.44 14.03 -40.20
N LEU C 62 15.72 13.21 -39.19
CA LEU C 62 15.67 13.68 -37.82
C LEU C 62 16.96 13.30 -37.10
N TYR C 63 17.29 14.10 -36.10
CA TYR C 63 18.47 13.87 -35.27
C TYR C 63 17.93 13.91 -33.84
N GLN C 64 18.73 13.40 -32.89
CA GLN C 64 18.38 13.33 -31.46
C GLN C 64 17.57 12.05 -31.19
N SER C 65 18.10 11.20 -30.32
CA SER C 65 17.45 9.93 -30.00
C SER C 65 16.02 10.06 -29.45
N ASN C 66 15.79 11.04 -28.58
CA ASN C 66 14.46 11.22 -28.01
C ASN C 66 13.46 11.79 -29.02
N THR C 67 13.98 12.54 -29.99
CA THR C 67 13.15 13.08 -31.04
C THR C 67 12.68 11.91 -31.90
N ILE C 68 13.59 10.98 -32.17
CA ILE C 68 13.26 9.79 -32.97
C ILE C 68 12.22 8.95 -32.21
N LEU C 69 12.43 8.77 -30.91
CA LEU C 69 11.48 8.00 -30.08
C LEU C 69 10.11 8.64 -30.08
N ARG C 70 10.05 9.95 -29.87
CA ARG C 70 8.77 10.66 -29.85
C ARG C 70 8.10 10.63 -31.22
N HIS C 71 8.91 10.70 -32.28
CA HIS C 71 8.38 10.67 -33.63
C HIS C 71 7.71 9.32 -33.90
N LEU C 72 8.41 8.23 -33.57
CA LEU C 72 7.88 6.88 -33.76
C LEU C 72 6.67 6.67 -32.83
N GLY C 73 6.78 7.13 -31.59
CA GLY C 73 5.69 7.01 -30.65
C GLY C 73 4.46 7.74 -31.16
N ARG C 74 4.64 8.94 -31.67
CA ARG C 74 3.56 9.75 -32.20
C ARG C 74 2.88 9.10 -33.41
N THR C 75 3.66 8.78 -34.43
CA THR C 75 3.12 8.18 -35.65
C THR C 75 2.60 6.75 -35.52
N LEU C 76 3.14 6.00 -34.57
CA LEU C 76 2.72 4.62 -34.36
C LEU C 76 1.70 4.42 -33.25
N GLY C 77 1.27 5.51 -32.61
CA GLY C 77 0.29 5.41 -31.55
C GLY C 77 0.82 4.88 -30.22
N LEU C 78 2.05 5.24 -29.89
CA LEU C 78 2.69 4.81 -28.66
C LEU C 78 3.02 6.06 -27.83
N TYR C 79 2.05 6.95 -27.69
CA TYR C 79 2.24 8.21 -26.96
C TYR C 79 1.02 8.54 -26.10
N GLY C 80 0.45 7.52 -25.45
CA GLY C 80 -0.71 7.73 -24.59
C GLY C 80 -2.04 7.75 -25.33
N LYS C 81 -3.14 7.55 -24.62
CA LYS C 81 -4.46 7.56 -25.25
C LYS C 81 -5.07 8.96 -25.30
N ASP C 82 -4.51 9.89 -24.54
CA ASP C 82 -5.01 11.27 -24.53
C ASP C 82 -3.88 12.21 -24.14
N GLN C 83 -4.16 13.51 -24.14
CA GLN C 83 -3.14 14.50 -23.80
C GLN C 83 -2.50 14.32 -22.42
N GLN C 84 -3.29 13.96 -21.41
CA GLN C 84 -2.73 13.79 -20.09
C GLN C 84 -1.74 12.61 -20.04
N GLU C 85 -2.09 11.50 -20.68
CA GLU C 85 -1.20 10.35 -20.72
C GLU C 85 0.08 10.72 -21.46
N ALA C 86 -0.06 11.54 -22.49
CA ALA C 86 1.10 11.97 -23.27
C ALA C 86 2.07 12.71 -22.35
N ALA C 87 1.54 13.54 -21.46
CA ALA C 87 2.36 14.30 -20.51
C ALA C 87 3.06 13.35 -19.54
N LEU C 88 2.34 12.33 -19.09
CA LEU C 88 2.92 11.36 -18.17
C LEU C 88 4.03 10.57 -18.87
N VAL C 89 3.81 10.25 -20.15
CA VAL C 89 4.79 9.53 -20.94
C VAL C 89 6.07 10.38 -21.04
N ASP C 90 5.90 11.69 -21.24
CA ASP C 90 7.04 12.60 -21.31
C ASP C 90 7.79 12.64 -19.99
N MET C 91 7.05 12.72 -18.89
CA MET C 91 7.64 12.77 -17.57
C MET C 91 8.52 11.55 -17.32
N VAL C 92 8.04 10.40 -17.76
CA VAL C 92 8.80 9.16 -17.60
C VAL C 92 10.05 9.21 -18.48
N ASN C 93 9.87 9.57 -19.75
CA ASN C 93 11.00 9.62 -20.66
C ASN C 93 12.10 10.58 -20.24
N ASP C 94 11.72 11.74 -19.71
CA ASP C 94 12.69 12.74 -19.25
C ASP C 94 13.46 12.17 -18.08
N GLY C 95 12.76 11.41 -17.22
CA GLY C 95 13.42 10.79 -16.09
C GLY C 95 14.43 9.77 -16.57
N VAL C 96 14.04 8.99 -17.58
CA VAL C 96 14.93 7.97 -18.16
C VAL C 96 16.15 8.65 -18.76
N GLU C 97 15.92 9.73 -19.50
CA GLU C 97 17.00 10.49 -20.13
C GLU C 97 17.99 11.02 -19.09
N ASP C 98 17.48 11.55 -17.98
CA ASP C 98 18.35 12.07 -16.93
C ASP C 98 19.29 11.00 -16.39
N LEU C 99 18.75 9.82 -16.09
CA LEU C 99 19.57 8.74 -15.57
C LEU C 99 20.50 8.21 -16.66
N ARG C 100 20.03 8.19 -17.90
CA ARG C 100 20.85 7.72 -19.02
C ARG C 100 22.08 8.62 -19.14
N CYS C 101 21.90 9.92 -18.90
CA CYS C 101 23.01 10.86 -18.98
C CYS C 101 24.05 10.58 -17.91
N LYS C 102 23.59 10.22 -16.71
CA LYS C 102 24.50 9.91 -15.61
C LYS C 102 25.24 8.61 -15.92
N TYR C 103 24.50 7.67 -16.51
CA TYR C 103 25.08 6.38 -16.89
C TYR C 103 26.18 6.61 -17.94
N ILE C 104 25.85 7.39 -18.96
CA ILE C 104 26.79 7.71 -20.05
C ILE C 104 28.03 8.40 -19.48
N SER C 105 27.83 9.32 -18.55
CA SER C 105 28.94 10.03 -17.93
C SER C 105 29.85 9.01 -17.23
N LEU C 106 29.26 8.08 -16.48
CA LEU C 106 30.05 7.06 -15.79
C LEU C 106 30.87 6.25 -16.79
N ILE C 107 30.19 5.62 -17.73
CA ILE C 107 30.83 4.77 -18.74
C ILE C 107 31.98 5.41 -19.51
N TYR C 108 31.78 6.64 -19.97
CA TYR C 108 32.80 7.31 -20.78
C TYR C 108 33.78 8.26 -20.11
N THR C 109 33.48 8.73 -18.90
CA THR C 109 34.37 9.69 -18.27
C THR C 109 34.88 9.39 -16.85
N ASN C 110 34.29 8.41 -16.15
CA ASN C 110 34.74 8.13 -14.79
C ASN C 110 34.35 6.72 -14.32
N TYR C 111 34.55 5.74 -15.18
CA TYR C 111 34.18 4.37 -14.85
C TYR C 111 34.92 3.76 -13.66
N GLU C 112 36.25 3.76 -13.72
CA GLU C 112 37.07 3.18 -12.67
C GLU C 112 36.88 3.80 -11.28
N ALA C 113 37.00 5.11 -11.21
CA ALA C 113 36.86 5.82 -9.95
C ALA C 113 35.43 6.07 -9.50
N GLY C 114 34.50 6.18 -10.45
CA GLY C 114 33.13 6.45 -10.08
C GLY C 114 32.11 5.34 -9.99
N LYS C 115 32.44 4.14 -10.45
CA LYS C 115 31.47 3.05 -10.43
C LYS C 115 30.86 2.71 -9.06
N ASP C 116 31.70 2.53 -8.04
CA ASP C 116 31.21 2.20 -6.70
C ASP C 116 30.19 3.21 -6.17
N ASP C 117 30.50 4.50 -6.30
CA ASP C 117 29.59 5.55 -5.83
C ASP C 117 28.30 5.53 -6.63
N TYR C 118 28.42 5.33 -7.94
CA TYR C 118 27.26 5.29 -8.82
C TYR C 118 26.32 4.16 -8.41
N VAL C 119 26.89 2.97 -8.20
CA VAL C 119 26.10 1.81 -7.79
C VAL C 119 25.44 2.04 -6.44
N LYS C 120 26.17 2.70 -5.54
CA LYS C 120 25.64 3.00 -4.22
C LYS C 120 24.45 3.97 -4.33
N ALA C 121 24.50 4.88 -5.31
CA ALA C 121 23.43 5.85 -5.54
C ALA C 121 22.29 5.29 -6.42
N LEU C 122 22.55 4.17 -7.08
CA LEU C 122 21.57 3.56 -7.99
C LEU C 122 20.17 3.32 -7.43
N PRO C 123 20.04 2.69 -6.25
CA PRO C 123 18.72 2.43 -5.69
C PRO C 123 17.85 3.70 -5.62
N GLY C 124 18.47 4.82 -5.23
CA GLY C 124 17.74 6.08 -5.14
C GLY C 124 17.31 6.57 -6.50
N GLN C 125 18.10 6.24 -7.52
CA GLN C 125 17.81 6.62 -8.90
C GLN C 125 16.75 5.75 -9.58
N LEU C 126 16.63 4.50 -9.15
CA LEU C 126 15.66 3.57 -9.72
C LEU C 126 14.29 3.64 -9.06
N LYS C 127 14.27 3.97 -7.77
CA LYS C 127 13.02 4.05 -7.02
C LYS C 127 11.88 4.80 -7.71
N PRO C 128 12.15 5.97 -8.33
CA PRO C 128 11.10 6.72 -9.01
C PRO C 128 10.32 5.90 -10.04
N PHE C 129 11.02 5.00 -10.73
CA PHE C 129 10.37 4.17 -11.75
C PHE C 129 9.53 3.06 -11.10
N GLU C 130 9.97 2.60 -9.94
CA GLU C 130 9.23 1.58 -9.19
C GLU C 130 7.95 2.30 -8.74
N THR C 131 8.10 3.54 -8.29
CA THR C 131 6.99 4.37 -7.84
C THR C 131 6.03 4.61 -9.00
N LEU C 132 6.58 4.93 -10.17
CA LEU C 132 5.73 5.17 -11.36
C LEU C 132 4.89 3.93 -11.64
N LEU C 133 5.50 2.75 -11.57
CA LEU C 133 4.79 1.50 -11.80
C LEU C 133 3.71 1.25 -10.73
N SER C 134 4.05 1.40 -9.46
CA SER C 134 3.06 1.19 -8.39
C SER C 134 1.85 2.13 -8.47
N GLN C 135 2.11 3.36 -8.92
CA GLN C 135 1.06 4.36 -9.05
C GLN C 135 0.15 4.07 -10.24
N ASN C 136 0.66 3.29 -11.20
CA ASN C 136 -0.15 2.95 -12.36
C ASN C 136 -0.93 1.65 -12.09
N GLN C 137 -1.78 1.71 -11.08
CA GLN C 137 -2.63 0.58 -10.69
C GLN C 137 -1.88 -0.74 -10.47
N GLY C 138 -0.82 -0.72 -9.67
CA GLY C 138 -0.07 -1.94 -9.38
C GLY C 138 1.09 -2.25 -10.30
N GLY C 139 1.24 -1.51 -11.39
CA GLY C 139 2.34 -1.73 -12.32
C GLY C 139 2.34 -3.09 -13.01
N LYS C 140 1.15 -3.60 -13.32
CA LYS C 140 1.03 -4.91 -13.96
C LYS C 140 1.15 -4.86 -15.48
N THR C 141 1.02 -3.68 -16.08
CA THR C 141 1.13 -3.60 -17.53
C THR C 141 2.29 -2.73 -18.03
N PHE C 142 2.02 -1.45 -18.28
CA PHE C 142 3.06 -0.57 -18.80
C PHE C 142 3.38 0.57 -17.86
N ILE C 143 4.38 1.39 -18.21
CA ILE C 143 4.79 2.49 -17.36
C ILE C 143 3.74 3.60 -17.25
N VAL C 144 2.96 3.81 -18.31
CA VAL C 144 1.90 4.82 -18.31
C VAL C 144 0.65 4.22 -18.94
N GLY C 145 -0.46 4.25 -18.23
CA GLY C 145 -1.70 3.69 -18.76
C GLY C 145 -1.66 2.19 -19.00
N ASP C 146 -2.54 1.70 -19.87
CA ASP C 146 -2.59 0.26 -20.16
C ASP C 146 -2.18 -0.09 -21.58
N GLN C 147 -1.40 0.79 -22.20
CA GLN C 147 -0.92 0.56 -23.56
C GLN C 147 0.55 0.97 -23.57
N ILE C 148 1.35 0.29 -24.39
CA ILE C 148 2.78 0.59 -24.49
C ILE C 148 3.04 1.97 -25.11
N SER C 149 4.14 2.59 -24.70
CA SER C 149 4.51 3.91 -25.20
C SER C 149 6.02 3.88 -25.49
N PHE C 150 6.51 4.90 -26.19
CA PHE C 150 7.94 4.94 -26.49
C PHE C 150 8.76 4.96 -25.20
N ALA C 151 8.17 5.49 -24.13
CA ALA C 151 8.83 5.56 -22.83
C ALA C 151 9.13 4.17 -22.27
N ASP C 152 8.29 3.18 -22.59
CA ASP C 152 8.50 1.82 -22.10
C ASP C 152 9.78 1.24 -22.69
N TYR C 153 9.99 1.45 -23.98
CA TYR C 153 11.18 0.93 -24.64
C TYR C 153 12.44 1.62 -24.11
N ASN C 154 12.35 2.92 -23.84
CA ASN C 154 13.49 3.66 -23.32
C ASN C 154 13.81 3.20 -21.90
N LEU C 155 12.76 3.06 -21.08
CA LEU C 155 12.96 2.61 -19.70
C LEU C 155 13.49 1.17 -19.68
N LEU C 156 12.90 0.31 -20.50
CA LEU C 156 13.32 -1.08 -20.58
C LEU C 156 14.82 -1.15 -20.85
N ASP C 157 15.28 -0.40 -21.85
CA ASP C 157 16.71 -0.39 -22.18
C ASP C 157 17.54 0.09 -20.98
N LEU C 158 17.08 1.16 -20.34
CA LEU C 158 17.77 1.71 -19.19
C LEU C 158 17.93 0.64 -18.10
N LEU C 159 16.87 -0.11 -17.86
CA LEU C 159 16.88 -1.16 -16.84
C LEU C 159 17.82 -2.30 -17.24
N LEU C 160 17.73 -2.71 -18.50
CA LEU C 160 18.59 -3.79 -19.01
C LEU C 160 20.07 -3.47 -18.86
N ILE C 161 20.48 -2.29 -19.31
CA ILE C 161 21.89 -1.93 -19.20
C ILE C 161 22.36 -1.77 -17.76
N HIS C 162 21.44 -1.39 -16.88
CA HIS C 162 21.82 -1.24 -15.47
C HIS C 162 21.98 -2.59 -14.80
N GLU C 163 21.22 -3.59 -15.24
CA GLU C 163 21.34 -4.93 -14.68
C GLU C 163 22.71 -5.49 -15.06
N VAL C 164 23.21 -5.10 -16.23
CA VAL C 164 24.53 -5.54 -16.67
C VAL C 164 25.59 -4.82 -15.82
N LEU C 165 25.35 -3.53 -15.56
CA LEU C 165 26.28 -2.73 -14.76
C LEU C 165 26.36 -3.18 -13.32
N ALA C 166 25.20 -3.47 -12.74
CA ALA C 166 25.07 -3.90 -11.35
C ALA C 166 24.09 -5.05 -11.27
N PRO C 167 24.58 -6.29 -11.51
CA PRO C 167 23.74 -7.50 -11.47
C PRO C 167 22.90 -7.55 -10.19
N GLY C 168 21.60 -7.73 -10.36
CA GLY C 168 20.71 -7.80 -9.22
C GLY C 168 20.23 -6.47 -8.68
N CYS C 169 20.51 -5.37 -9.38
CA CYS C 169 20.09 -4.05 -8.92
C CYS C 169 18.55 -3.92 -8.88
N LEU C 170 17.86 -4.80 -9.58
CA LEU C 170 16.40 -4.78 -9.60
C LEU C 170 15.77 -5.69 -8.54
N ASP C 171 16.59 -6.41 -7.77
CA ASP C 171 16.08 -7.32 -6.74
C ASP C 171 15.20 -6.62 -5.72
N ALA C 172 15.60 -5.41 -5.34
CA ALA C 172 14.86 -4.63 -4.36
C ALA C 172 13.68 -3.88 -4.99
N PHE C 173 13.47 -4.10 -6.29
CA PHE C 173 12.40 -3.44 -7.01
C PHE C 173 11.58 -4.48 -7.77
N PRO C 174 10.66 -5.18 -7.06
CA PRO C 174 9.79 -6.23 -7.60
C PRO C 174 9.06 -5.88 -8.90
N LEU C 175 8.40 -4.72 -8.90
CA LEU C 175 7.65 -4.27 -10.07
C LEU C 175 8.52 -4.08 -11.30
N LEU C 176 9.66 -3.39 -11.14
CA LEU C 176 10.58 -3.15 -12.26
C LEU C 176 11.16 -4.46 -12.78
N SER C 177 11.46 -5.38 -11.87
CA SER C 177 12.02 -6.67 -12.24
C SER C 177 11.02 -7.45 -13.09
N ALA C 178 9.78 -7.55 -12.62
CA ALA C 178 8.73 -8.27 -13.35
C ALA C 178 8.42 -7.55 -14.66
N TYR C 179 8.47 -6.22 -14.63
CA TYR C 179 8.22 -5.39 -15.81
C TYR C 179 9.24 -5.72 -16.90
N VAL C 180 10.51 -5.82 -16.51
CA VAL C 180 11.59 -6.17 -17.44
C VAL C 180 11.29 -7.55 -18.00
N GLY C 181 10.85 -8.46 -17.14
CA GLY C 181 10.53 -9.81 -17.56
C GLY C 181 9.39 -9.85 -18.57
N ARG C 182 8.31 -9.12 -18.27
CA ARG C 182 7.14 -9.08 -19.15
C ARG C 182 7.42 -8.48 -20.53
N LEU C 183 7.98 -7.28 -20.57
CA LEU C 183 8.27 -6.66 -21.86
C LEU C 183 9.24 -7.45 -22.71
N SER C 184 10.27 -8.01 -22.09
CA SER C 184 11.25 -8.80 -22.83
C SER C 184 10.65 -10.06 -23.45
N ALA C 185 9.52 -10.50 -22.91
CA ALA C 185 8.84 -11.71 -23.40
C ALA C 185 7.94 -11.46 -24.60
N ARG C 186 7.64 -10.20 -24.89
CA ARG C 186 6.79 -9.88 -26.04
C ARG C 186 7.47 -10.53 -27.25
N PRO C 187 6.77 -11.46 -27.93
CA PRO C 187 7.28 -12.18 -29.10
C PRO C 187 8.26 -11.47 -30.03
N LYS C 188 7.83 -10.39 -30.67
CA LYS C 188 8.70 -9.67 -31.59
C LYS C 188 9.94 -9.08 -30.91
N LEU C 189 9.76 -8.53 -29.70
CA LEU C 189 10.87 -7.94 -28.96
C LEU C 189 11.88 -9.02 -28.56
N LYS C 190 11.39 -10.13 -28.02
CA LYS C 190 12.26 -11.25 -27.60
C LYS C 190 13.12 -11.69 -28.79
N ALA C 191 12.47 -11.89 -29.93
CA ALA C 191 13.16 -12.30 -31.14
C ALA C 191 14.27 -11.31 -31.48
N PHE C 192 13.97 -10.02 -31.41
CA PHE C 192 14.98 -9.00 -31.72
C PHE C 192 16.14 -9.00 -30.72
N LEU C 193 15.82 -9.07 -29.43
CA LEU C 193 16.84 -9.07 -28.39
C LEU C 193 17.81 -10.24 -28.52
N ALA C 194 17.35 -11.34 -29.11
CA ALA C 194 18.18 -12.52 -29.30
C ALA C 194 18.91 -12.54 -30.64
N SER C 195 18.53 -11.65 -31.56
CA SER C 195 19.15 -11.62 -32.88
C SER C 195 20.59 -11.10 -32.87
N PRO C 196 21.42 -11.53 -33.84
CA PRO C 196 22.83 -11.10 -33.93
C PRO C 196 22.97 -9.57 -34.05
N GLU C 197 22.05 -8.99 -34.80
CA GLU C 197 21.97 -7.55 -35.05
C GLU C 197 22.06 -6.77 -33.73
N TYR C 198 21.55 -7.37 -32.67
CA TYR C 198 21.55 -6.75 -31.36
C TYR C 198 22.67 -7.31 -30.49
N VAL C 199 22.74 -8.63 -30.41
CA VAL C 199 23.73 -9.34 -29.61
C VAL C 199 25.21 -9.00 -29.90
N ASN C 200 25.54 -8.84 -31.17
CA ASN C 200 26.91 -8.54 -31.57
C ASN C 200 27.42 -7.17 -31.17
N LEU C 201 26.48 -6.25 -30.91
CA LEU C 201 26.84 -4.90 -30.56
C LEU C 201 27.17 -4.66 -29.09
N PRO C 202 28.28 -3.95 -28.82
CA PRO C 202 28.60 -3.69 -27.43
C PRO C 202 27.57 -2.64 -26.99
N ILE C 203 27.25 -2.61 -25.71
CA ILE C 203 26.29 -1.64 -25.20
C ILE C 203 26.79 -0.22 -25.46
N ASN C 204 28.07 -0.01 -25.21
CA ASN C 204 28.70 1.29 -25.36
C ASN C 204 29.91 1.27 -26.28
N GLY C 205 30.36 2.44 -26.71
CA GLY C 205 31.48 2.55 -27.62
C GLY C 205 32.83 2.07 -27.14
N ASN C 206 33.08 2.13 -25.84
CA ASN C 206 34.36 1.69 -25.28
C ASN C 206 34.31 0.27 -24.70
N GLY C 207 33.22 -0.44 -24.98
CA GLY C 207 33.09 -1.79 -24.47
C GLY C 207 32.84 -1.93 -22.98
N LYS C 208 32.86 -0.82 -22.24
CA LYS C 208 32.61 -0.89 -20.80
C LYS C 208 31.11 -1.02 -20.58
N GLN C 209 30.71 -1.70 -19.52
CA GLN C 209 29.30 -1.95 -19.24
C GLN C 209 29.10 -2.36 -17.79
S SO4 D . -8.20 -1.46 13.12
O1 SO4 D . -9.14 -2.00 14.03
O2 SO4 D . -7.53 -2.52 12.44
O3 SO4 D . -7.25 -0.67 13.83
O4 SO4 D . -8.89 -0.65 12.17
N1 GSH E . -1.18 -0.79 9.33
CA1 GSH E . 0.02 0.09 9.29
C1 GSH E . -0.27 1.26 10.22
O11 GSH E . -1.48 1.54 10.39
O12 GSH E . 0.68 1.85 10.77
CB1 GSH E . 0.29 0.57 7.87
CG1 GSH E . 1.54 1.43 7.72
CD1 GSH E . 2.04 1.50 6.29
OE1 GSH E . 1.29 1.23 5.34
N2 GSH E . 3.31 1.84 6.12
CA2 GSH E . 3.90 1.92 4.80
C2 GSH E . 5.39 1.62 4.82
O2 GSH E . 6.02 1.68 5.90
CB2 GSH E . 3.67 3.31 4.19
SG2 GSH E . 4.41 4.65 5.12
N3 GSH E . 5.93 1.29 3.66
CA3 GSH E . 7.33 0.96 3.54
C3 GSH E . 7.46 -0.50 3.16
O31 GSH E . 6.45 -1.24 3.25
O32 GSH E . 8.57 -0.93 2.76
N1 GSH F . -14.53 -3.01 8.20
CA1 GSH F . -15.75 -3.86 8.20
C1 GSH F . -15.66 -4.83 9.39
O11 GSH F . -16.70 -5.35 9.84
O12 GSH F . -14.52 -5.04 9.87
CB1 GSH F . -15.84 -4.62 6.88
CG1 GSH F . -17.05 -5.51 6.74
CD1 GSH F . -17.30 -5.83 5.27
OE1 GSH F . -16.43 -5.60 4.42
N2 GSH F . -18.49 -6.35 4.96
CA2 GSH F . -18.79 -6.64 3.57
C2 GSH F . -20.24 -6.35 3.24
O2 GSH F . -21.07 -6.18 4.13
CB2 GSH F . -18.43 -8.09 3.21
SG2 GSH F . -19.41 -9.31 4.05
N3 GSH F . -20.52 -6.30 1.94
CA3 GSH F . -21.85 -6.00 1.46
C3 GSH F . -21.84 -4.63 0.82
O31 GSH F . -22.83 -4.26 0.17
O32 GSH F . -20.83 -3.90 0.98
O1 MES G . -26.76 -19.94 16.98
C2 MES G . -27.57 -20.91 17.71
C3 MES G . -26.67 -21.82 18.57
N4 MES G . -25.27 -21.19 18.82
C5 MES G . -25.33 -19.65 18.98
C6 MES G . -26.07 -18.97 17.80
C7 MES G . -24.52 -21.86 19.98
C8 MES G . -23.00 -21.98 19.74
S MES G . -22.21 -23.03 20.96
O1S MES G . -23.32 -24.07 21.64
O2S MES G . -21.08 -23.93 20.28
O3S MES G . -21.59 -22.16 22.12
S SO4 H . 14.69 15.67 -23.50
O1 SO4 H . 14.04 14.75 -24.71
O2 SO4 H . 15.07 14.90 -22.28
O3 SO4 H . 13.23 16.43 -23.18
O4 SO4 H . 15.70 16.63 -24.21
N1 GSH I . 21.33 14.44 -27.56
CA1 GSH I . 21.84 13.47 -28.57
C1 GSH I . 20.81 12.35 -28.71
O11 GSH I . 20.81 11.67 -29.75
O12 GSH I . 20.01 12.18 -27.76
CB1 GSH I . 23.19 12.93 -28.10
CG1 GSH I . 23.85 11.99 -29.10
CD1 GSH I . 25.34 11.86 -28.81
OE1 GSH I . 25.79 12.22 -27.71
N2 GSH I . 26.09 11.36 -29.77
CA2 GSH I . 27.54 11.22 -29.60
C2 GSH I . 28.29 11.42 -30.92
O2 GSH I . 27.70 11.35 -32.01
CB2 GSH I . 27.88 9.86 -28.99
SG2 GSH I . 27.52 8.44 -30.02
N3 GSH I . 29.59 11.64 -30.80
CA3 GSH I . 30.44 11.88 -31.96
C3 GSH I . 30.88 13.33 -31.95
O31 GSH I . 31.95 13.65 -32.50
O32 GSH I . 30.16 14.16 -31.37
O1 MES J . 2.92 15.74 -29.66
C2 MES J . 2.53 14.92 -30.46
C3 MES J . 1.14 14.24 -30.09
N4 MES J . 1.26 13.70 -28.64
C5 MES J . 1.99 14.96 -27.68
C6 MES J . 3.18 15.36 -28.41
C7 MES J . -0.12 13.30 -28.05
C8 MES J . -0.03 11.88 -27.92
S MES J . -1.66 11.57 -27.28
O1S MES J . -1.55 9.70 -26.64
O2S MES J . -3.06 11.35 -28.35
O3S MES J . -2.23 12.28 -26.05
#